data_8DOA
#
_entry.id   8DOA
#
_entity_poly.entity_id   1
_entity_poly.type   'polypeptide(L)'
_entity_poly.pdbx_seq_one_letter_code
;MGSSHHHHHHSSGLVPRGSHMDIEEIEKKARKILEKGDSIEIAGFEVRDEEDLKKILEWLRRHG
;
_entity_poly.pdbx_strand_id   A
#
# COMPACT_ATOMS: atom_id res chain seq x y z
N MET A 1 9.02 -27.00 -1.82
CA MET A 1 8.64 -27.27 -0.42
C MET A 1 8.01 -26.01 0.20
N GLY A 2 6.66 -25.97 0.21
CA GLY A 2 5.92 -24.87 0.82
C GLY A 2 6.01 -23.56 0.03
N SER A 3 5.46 -23.55 -1.20
CA SER A 3 5.41 -22.35 -2.06
C SER A 3 4.22 -21.45 -1.63
N SER A 4 4.32 -20.89 -0.41
CA SER A 4 3.27 -20.07 0.20
C SER A 4 3.59 -18.58 -0.01
N HIS A 5 3.10 -18.03 -1.14
CA HIS A 5 3.25 -16.61 -1.47
C HIS A 5 2.36 -15.74 -0.57
N HIS A 6 1.21 -16.29 -0.13
CA HIS A 6 0.20 -15.54 0.68
C HIS A 6 0.84 -15.04 1.99
N HIS A 7 1.31 -13.78 1.97
CA HIS A 7 1.93 -13.11 3.13
C HIS A 7 0.86 -12.42 3.99
N HIS A 8 -0.33 -12.22 3.41
CA HIS A 8 -1.52 -11.67 4.09
C HIS A 8 -2.74 -12.58 3.82
N HIS A 9 -3.46 -12.95 4.90
CA HIS A 9 -4.66 -13.80 4.83
C HIS A 9 -5.89 -12.96 4.42
N HIS A 10 -5.99 -11.75 5.02
CA HIS A 10 -7.17 -10.87 4.93
C HIS A 10 -8.41 -11.60 5.50
N SER A 11 -8.40 -11.74 6.85
CA SER A 11 -9.54 -12.30 7.61
C SER A 11 -10.74 -11.33 7.53
N SER A 12 -10.44 -10.05 7.78
CA SER A 12 -11.39 -8.94 7.67
C SER A 12 -10.58 -7.65 7.58
N GLY A 13 -9.71 -7.44 8.59
CA GLY A 13 -8.86 -6.27 8.67
C GLY A 13 -9.51 -5.15 9.48
N LEU A 14 -8.77 -4.63 10.47
CA LEU A 14 -9.20 -3.50 11.31
C LEU A 14 -9.30 -2.20 10.48
N VAL A 15 -8.54 -2.17 9.35
CA VAL A 15 -8.42 -1.00 8.45
C VAL A 15 -7.92 0.23 9.25
N PRO A 16 -6.62 0.23 9.69
CA PRO A 16 -6.08 1.27 10.58
C PRO A 16 -5.72 2.56 9.81
N ARG A 17 -5.38 3.60 10.56
CA ARG A 17 -4.96 4.90 10.03
C ARG A 17 -3.66 5.32 10.72
N GLY A 18 -2.55 4.74 10.23
CA GLY A 18 -1.24 4.90 10.84
C GLY A 18 -0.52 6.16 10.38
N SER A 19 0.30 6.73 11.28
CA SER A 19 1.17 7.88 10.99
C SER A 19 2.24 7.50 9.96
N HIS A 20 2.68 6.23 10.04
CA HIS A 20 3.69 5.64 9.13
C HIS A 20 3.18 5.62 7.66
N MET A 21 1.86 5.35 7.49
CA MET A 21 1.21 5.18 6.17
C MET A 21 1.82 3.96 5.44
N ASP A 22 1.17 2.80 5.58
CA ASP A 22 1.65 1.53 4.99
C ASP A 22 0.61 0.98 4.00
N ILE A 23 1.07 0.23 2.98
CA ILE A 23 0.20 -0.40 1.96
C ILE A 23 -0.78 -1.42 2.61
N GLU A 24 -0.47 -1.87 3.85
CA GLU A 24 -1.37 -2.68 4.70
C GLU A 24 -2.79 -2.06 4.79
N GLU A 25 -2.83 -0.75 5.11
CA GLU A 25 -4.06 0.05 5.22
C GLU A 25 -4.81 0.11 3.88
N ILE A 26 -4.02 0.32 2.81
CA ILE A 26 -4.51 0.44 1.41
C ILE A 26 -4.98 -0.94 0.89
N GLU A 27 -4.36 -2.02 1.38
CA GLU A 27 -4.57 -3.41 0.89
C GLU A 27 -5.95 -3.93 1.35
N LYS A 28 -6.43 -3.43 2.51
CA LYS A 28 -7.76 -3.76 3.04
C LYS A 28 -8.87 -3.26 2.10
N LYS A 29 -8.63 -2.08 1.51
CA LYS A 29 -9.50 -1.48 0.48
C LYS A 29 -9.30 -2.19 -0.88
N ALA A 30 -8.03 -2.37 -1.26
CA ALA A 30 -7.61 -2.81 -2.60
C ALA A 30 -8.02 -4.26 -2.90
N ARG A 31 -7.64 -5.16 -1.98
CA ARG A 31 -7.94 -6.59 -2.07
C ARG A 31 -9.45 -6.87 -2.00
N LYS A 32 -10.22 -5.96 -1.34
CA LYS A 32 -11.69 -6.07 -1.23
C LYS A 32 -12.36 -6.09 -2.64
N ILE A 33 -11.77 -5.33 -3.59
CA ILE A 33 -12.18 -5.33 -5.01
C ILE A 33 -11.88 -6.70 -5.66
N LEU A 34 -10.67 -7.23 -5.35
CA LEU A 34 -10.13 -8.45 -5.98
C LEU A 34 -10.91 -9.70 -5.58
N GLU A 35 -11.31 -9.75 -4.30
CA GLU A 35 -12.07 -10.88 -3.72
C GLU A 35 -13.56 -10.77 -4.06
N LYS A 36 -14.01 -9.56 -4.44
CA LYS A 36 -15.40 -9.31 -4.87
C LYS A 36 -15.61 -9.83 -6.32
N GLY A 37 -14.51 -9.83 -7.11
CA GLY A 37 -14.52 -10.39 -8.47
C GLY A 37 -14.18 -9.37 -9.56
N ASP A 38 -13.49 -8.28 -9.17
CA ASP A 38 -13.01 -7.24 -10.12
C ASP A 38 -11.49 -7.06 -9.96
N SER A 39 -10.91 -6.10 -10.71
CA SER A 39 -9.49 -5.73 -10.63
C SER A 39 -9.36 -4.23 -10.28
N ILE A 40 -8.44 -3.89 -9.37
CA ILE A 40 -8.20 -2.50 -8.93
C ILE A 40 -6.86 -2.01 -9.48
N GLU A 41 -6.86 -0.87 -10.18
CA GLU A 41 -5.65 -0.27 -10.74
C GLU A 41 -5.02 0.66 -9.70
N ILE A 42 -3.96 0.17 -9.01
CA ILE A 42 -3.26 0.90 -7.94
C ILE A 42 -2.06 1.65 -8.54
N ALA A 43 -2.09 2.99 -8.48
CA ALA A 43 -0.99 3.89 -8.93
C ALA A 43 -0.73 3.77 -10.45
N GLY A 44 -1.78 3.37 -11.20
CA GLY A 44 -1.70 3.17 -12.66
C GLY A 44 -1.33 1.73 -13.05
N PHE A 45 -1.01 0.89 -12.05
CA PHE A 45 -0.67 -0.53 -12.24
C PHE A 45 -1.92 -1.39 -12.00
N GLU A 46 -2.38 -2.10 -13.04
CA GLU A 46 -3.61 -2.90 -13.01
C GLU A 46 -3.41 -4.20 -12.20
N VAL A 47 -3.89 -4.17 -10.95
CA VAL A 47 -3.83 -5.32 -10.04
C VAL A 47 -5.12 -6.14 -10.16
N ARG A 48 -4.99 -7.43 -10.53
CA ARG A 48 -6.15 -8.33 -10.72
C ARG A 48 -6.27 -9.35 -9.57
N ASP A 49 -5.14 -9.67 -8.97
CA ASP A 49 -5.05 -10.69 -7.91
C ASP A 49 -4.17 -10.16 -6.78
N GLU A 50 -4.26 -10.78 -5.60
CA GLU A 50 -3.45 -10.40 -4.42
C GLU A 50 -1.94 -10.67 -4.68
N GLU A 51 -1.66 -11.52 -5.68
CA GLU A 51 -0.31 -11.77 -6.19
C GLU A 51 0.21 -10.53 -6.95
N ASP A 52 -0.67 -9.91 -7.76
CA ASP A 52 -0.36 -8.66 -8.50
C ASP A 52 -0.19 -7.49 -7.52
N LEU A 53 -0.93 -7.59 -6.39
CA LEU A 53 -0.89 -6.60 -5.31
C LEU A 53 0.51 -6.64 -4.63
N LYS A 54 1.20 -7.81 -4.68
CA LYS A 54 2.56 -7.97 -4.11
C LYS A 54 3.60 -7.17 -4.91
N LYS A 55 3.42 -7.08 -6.24
CA LYS A 55 4.33 -6.31 -7.11
C LYS A 55 4.18 -4.80 -6.82
N ILE A 56 2.93 -4.27 -6.78
CA ILE A 56 2.70 -2.83 -6.51
C ILE A 56 3.02 -2.51 -5.03
N LEU A 57 2.88 -3.51 -4.14
CA LEU A 57 3.28 -3.41 -2.72
C LEU A 57 4.75 -3.06 -2.61
N GLU A 58 5.59 -3.89 -3.24
CA GLU A 58 7.05 -3.82 -3.11
C GLU A 58 7.62 -2.63 -3.90
N TRP A 59 7.09 -2.40 -5.10
CA TRP A 59 7.55 -1.34 -6.03
C TRP A 59 7.24 0.07 -5.50
N LEU A 60 6.05 0.25 -4.89
CA LEU A 60 5.62 1.55 -4.29
C LEU A 60 6.39 1.78 -2.96
N ARG A 61 6.55 0.70 -2.18
CA ARG A 61 7.24 0.72 -0.86
C ARG A 61 8.76 1.03 -1.03
N ARG A 62 9.37 0.52 -2.11
CA ARG A 62 10.79 0.78 -2.44
C ARG A 62 10.98 2.14 -3.14
N HIS A 63 9.89 2.70 -3.70
CA HIS A 63 9.95 3.96 -4.47
C HIS A 63 10.16 5.18 -3.53
N GLY A 64 11.43 5.47 -3.23
CA GLY A 64 11.83 6.66 -2.48
C GLY A 64 11.95 7.90 -3.37
N MET A 1 12.81 66.56 3.36
CA MET A 1 13.07 66.12 1.97
C MET A 1 13.39 64.61 1.95
N GLY A 2 13.55 64.06 0.72
CA GLY A 2 13.97 62.67 0.54
C GLY A 2 15.39 62.44 1.03
N SER A 3 15.67 61.21 1.50
CA SER A 3 16.99 60.86 2.06
C SER A 3 17.36 59.43 1.67
N SER A 4 18.65 59.08 1.86
CA SER A 4 19.20 57.75 1.55
C SER A 4 18.86 56.76 2.68
N HIS A 5 17.62 56.22 2.62
CA HIS A 5 17.15 55.18 3.55
C HIS A 5 17.48 53.80 2.98
N HIS A 6 17.91 52.87 3.84
CA HIS A 6 18.32 51.52 3.45
C HIS A 6 17.51 50.47 4.24
N HIS A 7 16.60 49.78 3.53
CA HIS A 7 15.77 48.70 4.11
C HIS A 7 15.19 47.85 2.96
N HIS A 8 15.79 46.67 2.74
CA HIS A 8 15.35 45.70 1.72
C HIS A 8 15.62 44.28 2.22
N HIS A 9 14.62 43.40 2.11
CA HIS A 9 14.76 41.96 2.42
C HIS A 9 13.56 41.20 1.87
N HIS A 10 13.82 39.96 1.43
CA HIS A 10 12.81 39.04 0.89
C HIS A 10 13.25 37.59 1.15
N SER A 11 12.51 36.89 2.01
CA SER A 11 12.79 35.49 2.36
C SER A 11 11.67 34.57 1.81
N SER A 12 11.95 33.26 1.81
CA SER A 12 11.05 32.21 1.34
C SER A 12 11.47 30.88 1.98
N GLY A 13 10.50 29.96 2.15
CA GLY A 13 10.76 28.66 2.78
C GLY A 13 9.54 27.77 2.74
N LEU A 14 9.26 27.20 1.56
CA LEU A 14 8.15 26.27 1.33
C LEU A 14 8.52 24.88 1.88
N VAL A 15 7.50 24.12 2.33
CA VAL A 15 7.68 22.77 2.90
C VAL A 15 6.68 21.80 2.21
N PRO A 16 7.14 21.04 1.17
CA PRO A 16 6.33 20.02 0.48
C PRO A 16 6.46 18.61 1.08
N ARG A 17 7.04 18.53 2.30
CA ARG A 17 7.26 17.26 3.02
C ARG A 17 5.91 16.67 3.47
N GLY A 18 5.48 15.59 2.80
CA GLY A 18 4.20 14.96 3.06
C GLY A 18 3.87 13.86 2.03
N SER A 19 3.48 12.70 2.53
CA SER A 19 3.12 11.52 1.71
C SER A 19 1.82 10.89 2.27
N HIS A 20 1.07 10.19 1.41
CA HIS A 20 -0.23 9.57 1.76
C HIS A 20 -0.43 8.27 0.96
N MET A 21 -1.48 7.50 1.32
CA MET A 21 -1.85 6.21 0.68
C MET A 21 -0.81 5.13 1.05
N ASP A 22 -1.02 4.54 2.25
CA ASP A 22 -0.10 3.57 2.86
C ASP A 22 -0.30 2.16 2.27
N ILE A 23 0.78 1.37 2.23
CA ILE A 23 0.82 0.02 1.62
C ILE A 23 -0.17 -0.95 2.33
N GLU A 24 -0.17 -0.91 3.69
CA GLU A 24 -1.07 -1.75 4.51
C GLU A 24 -2.53 -1.33 4.28
N GLU A 25 -2.74 -0.01 4.26
CA GLU A 25 -4.04 0.62 3.99
C GLU A 25 -4.63 0.15 2.65
N ILE A 26 -3.76 0.12 1.61
CA ILE A 26 -4.13 -0.34 0.26
C ILE A 26 -4.50 -1.82 0.28
N GLU A 27 -3.67 -2.64 0.95
CA GLU A 27 -3.84 -4.09 0.98
C GLU A 27 -5.22 -4.48 1.57
N LYS A 28 -5.60 -3.78 2.65
CA LYS A 28 -6.92 -3.96 3.31
C LYS A 28 -8.08 -3.72 2.33
N LYS A 29 -7.92 -2.72 1.45
CA LYS A 29 -8.92 -2.35 0.44
C LYS A 29 -8.96 -3.41 -0.68
N ALA A 30 -7.80 -3.61 -1.32
CA ALA A 30 -7.65 -4.35 -2.58
C ALA A 30 -7.90 -5.85 -2.44
N ARG A 31 -7.63 -6.42 -1.25
CA ARG A 31 -7.94 -7.84 -0.97
C ARG A 31 -9.46 -8.08 -1.04
N LYS A 32 -10.24 -7.11 -0.53
CA LYS A 32 -11.72 -7.17 -0.54
C LYS A 32 -12.26 -6.91 -1.95
N ILE A 33 -11.66 -5.92 -2.64
CA ILE A 33 -12.01 -5.55 -4.03
C ILE A 33 -11.87 -6.80 -4.96
N LEU A 34 -10.71 -7.44 -4.88
CA LEU A 34 -10.35 -8.62 -5.69
C LEU A 34 -11.15 -9.88 -5.26
N GLU A 35 -11.52 -9.95 -3.96
CA GLU A 35 -12.32 -11.07 -3.41
C GLU A 35 -13.73 -11.09 -4.05
N LYS A 36 -14.27 -9.89 -4.30
CA LYS A 36 -15.60 -9.73 -4.92
C LYS A 36 -15.51 -9.81 -6.47
N GLY A 37 -14.28 -9.91 -7.00
CA GLY A 37 -14.05 -10.07 -8.45
C GLY A 37 -13.93 -8.75 -9.19
N ASP A 38 -13.54 -7.71 -8.46
CA ASP A 38 -13.24 -6.36 -8.99
C ASP A 38 -11.71 -6.17 -9.06
N SER A 39 -11.28 -5.08 -9.71
CA SER A 39 -9.84 -4.73 -9.83
C SER A 39 -9.66 -3.22 -9.62
N ILE A 40 -8.49 -2.84 -9.10
CA ILE A 40 -8.14 -1.42 -8.80
C ILE A 40 -6.78 -1.07 -9.42
N GLU A 41 -6.73 -0.03 -10.26
CA GLU A 41 -5.49 0.41 -10.93
C GLU A 41 -4.69 1.35 -10.00
N ILE A 42 -3.50 0.91 -9.58
CA ILE A 42 -2.58 1.66 -8.71
C ILE A 42 -1.30 1.98 -9.48
N ALA A 43 -1.01 3.29 -9.65
CA ALA A 43 0.15 3.80 -10.42
C ALA A 43 0.05 3.42 -11.91
N GLY A 44 -1.20 3.21 -12.38
CA GLY A 44 -1.49 2.78 -13.76
C GLY A 44 -1.28 1.27 -13.97
N PHE A 45 -1.09 0.52 -12.88
CA PHE A 45 -0.93 -0.94 -12.90
C PHE A 45 -2.17 -1.59 -12.30
N GLU A 46 -2.86 -2.42 -13.09
CA GLU A 46 -4.14 -3.02 -12.71
C GLU A 46 -3.90 -4.14 -11.70
N VAL A 47 -4.26 -3.90 -10.45
CA VAL A 47 -4.26 -4.93 -9.41
C VAL A 47 -5.49 -5.84 -9.62
N ARG A 48 -5.25 -6.93 -10.37
CA ARG A 48 -6.31 -7.89 -10.79
C ARG A 48 -6.35 -9.09 -9.84
N ASP A 49 -5.15 -9.53 -9.43
CA ASP A 49 -4.96 -10.69 -8.56
C ASP A 49 -4.05 -10.30 -7.38
N GLU A 50 -4.04 -11.15 -6.33
CA GLU A 50 -3.22 -10.95 -5.11
C GLU A 50 -1.72 -10.85 -5.43
N GLU A 51 -1.29 -11.51 -6.53
CA GLU A 51 0.08 -11.45 -7.04
C GLU A 51 0.42 -10.02 -7.53
N ASP A 52 -0.54 -9.42 -8.29
CA ASP A 52 -0.43 -8.02 -8.79
C ASP A 52 -0.36 -7.03 -7.63
N LEU A 53 -1.14 -7.32 -6.58
CA LEU A 53 -1.21 -6.51 -5.35
C LEU A 53 0.16 -6.46 -4.67
N LYS A 54 0.72 -7.64 -4.37
CA LYS A 54 2.02 -7.78 -3.69
C LYS A 54 3.17 -7.16 -4.51
N LYS A 55 3.01 -7.15 -5.84
CA LYS A 55 3.99 -6.59 -6.78
C LYS A 55 4.05 -5.05 -6.67
N ILE A 56 2.87 -4.40 -6.71
CA ILE A 56 2.75 -2.92 -6.70
C ILE A 56 3.03 -2.35 -5.28
N LEU A 57 2.70 -3.14 -4.24
CA LEU A 57 2.93 -2.77 -2.83
C LEU A 57 4.41 -2.79 -2.50
N GLU A 58 5.11 -3.82 -3.01
CA GLU A 58 6.55 -3.97 -2.86
C GLU A 58 7.27 -2.78 -3.52
N TRP A 59 6.82 -2.45 -4.75
CA TRP A 59 7.31 -1.28 -5.51
C TRP A 59 7.13 0.03 -4.71
N LEU A 60 5.91 0.23 -4.18
CA LEU A 60 5.53 1.51 -3.53
C LEU A 60 6.25 1.70 -2.18
N ARG A 61 6.55 0.59 -1.49
CA ARG A 61 7.28 0.60 -0.21
C ARG A 61 8.80 0.80 -0.45
N ARG A 62 9.28 0.34 -1.62
CA ARG A 62 10.69 0.51 -2.04
C ARG A 62 10.84 1.73 -2.99
N HIS A 63 9.82 2.60 -3.01
CA HIS A 63 9.76 3.80 -3.87
C HIS A 63 10.31 5.04 -3.10
N GLY A 64 11.28 4.80 -2.20
CA GLY A 64 11.92 5.87 -1.42
C GLY A 64 11.10 6.25 -0.18
N MET A 1 -13.52 -40.79 2.92
CA MET A 1 -12.25 -40.06 3.10
C MET A 1 -12.45 -38.56 2.81
N GLY A 2 -12.56 -37.77 3.90
CA GLY A 2 -12.70 -36.32 3.80
C GLY A 2 -11.41 -35.61 4.20
N SER A 3 -11.04 -34.54 3.47
CA SER A 3 -9.88 -33.69 3.80
C SER A 3 -10.20 -32.23 3.44
N SER A 4 -10.01 -31.33 4.41
CA SER A 4 -10.31 -29.89 4.27
C SER A 4 -9.21 -29.05 4.94
N HIS A 5 -9.10 -27.80 4.49
CA HIS A 5 -8.25 -26.77 5.12
C HIS A 5 -9.10 -25.98 6.13
N HIS A 6 -8.46 -25.45 7.17
CA HIS A 6 -9.15 -24.58 8.17
C HIS A 6 -9.38 -23.17 7.59
N HIS A 7 -10.32 -22.43 8.22
CA HIS A 7 -10.66 -21.05 7.83
C HIS A 7 -9.45 -20.12 8.01
N HIS A 8 -9.22 -19.25 7.01
CA HIS A 8 -8.12 -18.27 7.03
C HIS A 8 -8.40 -17.18 8.10
N HIS A 9 -7.34 -16.65 8.72
CA HIS A 9 -7.43 -15.58 9.73
C HIS A 9 -7.47 -14.20 9.04
N HIS A 10 -8.56 -13.46 9.31
CA HIS A 10 -8.77 -12.11 8.77
C HIS A 10 -8.06 -11.06 9.65
N SER A 11 -7.62 -9.97 9.02
CA SER A 11 -6.95 -8.84 9.68
C SER A 11 -7.76 -7.56 9.42
N SER A 12 -8.65 -7.22 10.36
CA SER A 12 -9.50 -6.02 10.30
C SER A 12 -8.72 -4.77 10.76
N GLY A 13 -7.84 -4.28 9.89
CA GLY A 13 -6.97 -3.13 10.20
C GLY A 13 -7.73 -1.81 10.20
N LEU A 14 -7.53 -1.00 11.26
CA LEU A 14 -8.17 0.33 11.41
C LEU A 14 -7.39 1.38 10.59
N VAL A 15 -8.11 2.39 10.10
CA VAL A 15 -7.55 3.45 9.25
C VAL A 15 -6.74 4.48 10.10
N PRO A 16 -5.44 4.81 9.72
CA PRO A 16 -4.62 5.80 10.43
C PRO A 16 -4.80 7.24 9.89
N ARG A 17 -4.26 8.21 10.64
CA ARG A 17 -4.37 9.65 10.33
C ARG A 17 -2.98 10.26 10.18
N GLY A 18 -2.82 11.18 9.20
CA GLY A 18 -1.50 11.74 8.84
C GLY A 18 -0.70 10.76 7.98
N SER A 19 -0.46 9.57 8.55
CA SER A 19 0.08 8.40 7.87
C SER A 19 -0.92 7.94 6.78
N HIS A 20 -0.65 8.32 5.52
CA HIS A 20 -1.52 8.02 4.37
C HIS A 20 -0.80 7.11 3.37
N MET A 21 0.49 7.41 3.12
CA MET A 21 1.33 6.63 2.17
C MET A 21 1.92 5.41 2.90
N ASP A 22 1.02 4.50 3.28
CA ASP A 22 1.34 3.30 4.05
C ASP A 22 0.90 2.06 3.27
N ILE A 23 1.82 1.08 3.18
CA ILE A 23 1.62 -0.15 2.38
C ILE A 23 0.37 -0.92 2.87
N GLU A 24 0.16 -0.90 4.20
CA GLU A 24 -0.93 -1.61 4.90
C GLU A 24 -2.31 -1.08 4.43
N GLU A 25 -2.39 0.25 4.30
CA GLU A 25 -3.66 0.95 4.00
C GLU A 25 -4.08 0.73 2.54
N ILE A 26 -3.10 0.76 1.63
CA ILE A 26 -3.33 0.56 0.20
C ILE A 26 -3.61 -0.94 -0.09
N GLU A 27 -2.93 -1.80 0.67
CA GLU A 27 -3.10 -3.28 0.57
C GLU A 27 -4.55 -3.68 0.89
N LYS A 28 -5.07 -3.15 2.02
CA LYS A 28 -6.39 -3.54 2.55
C LYS A 28 -7.52 -3.10 1.61
N LYS A 29 -7.28 -2.02 0.81
CA LYS A 29 -8.22 -1.62 -0.26
C LYS A 29 -8.34 -2.77 -1.28
N ALA A 30 -7.17 -3.14 -1.82
CA ALA A 30 -7.04 -4.09 -2.92
C ALA A 30 -7.56 -5.49 -2.55
N ARG A 31 -7.20 -5.99 -1.34
CA ARG A 31 -7.58 -7.36 -0.89
C ARG A 31 -9.10 -7.55 -0.86
N LYS A 32 -9.82 -6.47 -0.48
CA LYS A 32 -11.29 -6.45 -0.44
C LYS A 32 -11.87 -6.39 -1.85
N ILE A 33 -11.32 -5.49 -2.68
CA ILE A 33 -11.80 -5.24 -4.07
C ILE A 33 -11.72 -6.54 -4.94
N LEU A 34 -10.60 -7.26 -4.79
CA LEU A 34 -10.38 -8.55 -5.48
C LEU A 34 -11.33 -9.63 -4.95
N GLU A 35 -11.71 -9.54 -3.66
CA GLU A 35 -12.69 -10.46 -3.03
C GLU A 35 -14.09 -10.27 -3.65
N LYS A 36 -14.42 -9.00 -4.01
CA LYS A 36 -15.74 -8.63 -4.56
C LYS A 36 -15.91 -9.13 -6.00
N GLY A 37 -14.78 -9.42 -6.67
CA GLY A 37 -14.76 -9.82 -8.07
C GLY A 37 -14.47 -8.64 -8.98
N ASP A 38 -13.71 -7.68 -8.43
CA ASP A 38 -13.28 -6.44 -9.14
C ASP A 38 -11.75 -6.38 -9.19
N SER A 39 -11.24 -5.36 -9.90
CA SER A 39 -9.80 -5.10 -10.04
C SER A 39 -9.54 -3.60 -9.81
N ILE A 40 -8.38 -3.27 -9.21
CA ILE A 40 -8.00 -1.88 -8.83
C ILE A 40 -6.67 -1.49 -9.50
N GLU A 41 -6.69 -0.35 -10.23
CA GLU A 41 -5.51 0.18 -10.92
C GLU A 41 -4.71 1.08 -9.96
N ILE A 42 -3.59 0.57 -9.43
CA ILE A 42 -2.68 1.35 -8.55
C ILE A 42 -1.37 1.62 -9.30
N ALA A 43 -1.10 2.91 -9.59
CA ALA A 43 0.19 3.38 -10.16
C ALA A 43 0.46 2.86 -11.59
N GLY A 44 -0.63 2.51 -12.30
CA GLY A 44 -0.55 1.97 -13.66
C GLY A 44 -0.61 0.44 -13.70
N PHE A 45 -0.50 -0.20 -12.52
CA PHE A 45 -0.63 -1.65 -12.38
C PHE A 45 -2.09 -1.99 -12.14
N GLU A 46 -2.72 -2.72 -13.07
CA GLU A 46 -4.09 -3.23 -12.89
C GLU A 46 -4.02 -4.52 -12.04
N VAL A 47 -4.28 -4.34 -10.73
CA VAL A 47 -4.33 -5.44 -9.77
C VAL A 47 -5.59 -6.30 -10.02
N ARG A 48 -5.42 -7.28 -10.94
CA ARG A 48 -6.49 -8.20 -11.36
C ARG A 48 -6.35 -9.54 -10.63
N ASP A 49 -5.16 -9.79 -10.08
CA ASP A 49 -4.87 -10.96 -9.24
C ASP A 49 -4.08 -10.51 -7.99
N GLU A 50 -4.04 -11.42 -6.99
CA GLU A 50 -3.28 -11.22 -5.74
C GLU A 50 -1.77 -11.10 -6.02
N GLU A 51 -1.34 -11.67 -7.16
CA GLU A 51 0.04 -11.61 -7.63
C GLU A 51 0.43 -10.18 -8.00
N ASP A 52 -0.50 -9.47 -8.69
CA ASP A 52 -0.33 -8.06 -9.07
C ASP A 52 -0.33 -7.17 -7.82
N LEU A 53 -1.08 -7.61 -6.81
CA LEU A 53 -1.12 -6.96 -5.48
C LEU A 53 0.28 -7.05 -4.84
N LYS A 54 0.90 -8.23 -4.91
CA LYS A 54 2.25 -8.49 -4.38
C LYS A 54 3.31 -7.65 -5.13
N LYS A 55 3.11 -7.45 -6.45
CA LYS A 55 3.99 -6.62 -7.29
C LYS A 55 3.93 -5.15 -6.85
N ILE A 56 2.69 -4.63 -6.64
CA ILE A 56 2.49 -3.22 -6.25
C ILE A 56 2.97 -3.00 -4.80
N LEU A 57 2.88 -4.04 -3.93
CA LEU A 57 3.38 -3.96 -2.52
C LEU A 57 4.88 -3.65 -2.49
N GLU A 58 5.63 -4.20 -3.46
CA GLU A 58 7.06 -3.94 -3.62
C GLU A 58 7.28 -2.46 -4.03
N TRP A 59 6.44 -1.99 -4.97
CA TRP A 59 6.49 -0.59 -5.46
C TRP A 59 6.18 0.40 -4.31
N LEU A 60 5.21 0.05 -3.44
CA LEU A 60 4.80 0.86 -2.27
C LEU A 60 5.92 0.88 -1.21
N ARG A 61 6.68 -0.25 -1.17
CA ARG A 61 7.83 -0.44 -0.29
C ARG A 61 9.01 0.47 -0.76
N ARG A 62 9.13 0.63 -2.08
CA ARG A 62 10.20 1.43 -2.73
C ARG A 62 9.77 2.89 -2.96
N HIS A 63 8.46 3.14 -2.86
CA HIS A 63 7.87 4.48 -3.07
C HIS A 63 6.97 4.80 -1.85
N GLY A 64 7.57 5.47 -0.87
CA GLY A 64 6.88 5.88 0.34
C GLY A 64 7.21 7.34 0.69
N MET A 1 8.96 34.72 8.27
CA MET A 1 9.21 35.79 7.29
C MET A 1 10.50 36.53 7.62
N GLY A 2 11.23 37.00 6.58
CA GLY A 2 12.47 37.76 6.74
C GLY A 2 13.67 36.88 7.11
N SER A 3 13.66 36.38 8.35
CA SER A 3 14.69 35.46 8.86
C SER A 3 14.57 34.08 8.21
N SER A 4 15.57 33.71 7.40
CA SER A 4 15.67 32.37 6.80
C SER A 4 16.38 31.41 7.79
N HIS A 5 15.56 30.64 8.52
CA HIS A 5 16.05 29.69 9.55
C HIS A 5 16.56 28.42 8.87
N HIS A 6 17.90 28.32 8.73
CA HIS A 6 18.56 27.17 8.11
C HIS A 6 18.70 26.04 9.15
N HIS A 7 17.57 25.35 9.38
CA HIS A 7 17.47 24.21 10.30
C HIS A 7 16.57 23.13 9.68
N HIS A 8 17.12 21.92 9.54
CA HIS A 8 16.36 20.72 9.16
C HIS A 8 16.83 19.58 10.07
N HIS A 9 15.91 19.02 10.86
CA HIS A 9 16.21 17.87 11.72
C HIS A 9 15.92 16.57 10.96
N HIS A 10 16.94 15.73 10.82
CA HIS A 10 16.80 14.38 10.24
C HIS A 10 15.97 13.48 11.19
N SER A 11 15.03 12.71 10.63
CA SER A 11 14.14 11.81 11.40
C SER A 11 14.02 10.45 10.68
N SER A 12 15.01 9.58 10.88
CA SER A 12 15.08 8.26 10.23
C SER A 12 15.87 7.28 11.11
N GLY A 13 15.62 5.97 10.89
CA GLY A 13 16.32 4.90 11.61
C GLY A 13 15.34 3.85 12.15
N LEU A 14 14.88 4.06 13.38
CA LEU A 14 14.06 3.08 14.12
C LEU A 14 12.54 3.30 13.90
N VAL A 15 12.18 4.18 12.92
CA VAL A 15 10.78 4.48 12.52
C VAL A 15 9.97 5.14 13.67
N PRO A 16 9.83 6.51 13.66
CA PRO A 16 9.01 7.23 14.68
C PRO A 16 7.48 7.02 14.47
N ARG A 17 6.68 7.46 15.46
CA ARG A 17 5.20 7.33 15.40
C ARG A 17 4.60 8.36 14.41
N GLY A 18 4.01 7.83 13.33
CA GLY A 18 3.36 8.65 12.31
C GLY A 18 2.95 7.82 11.11
N SER A 19 1.63 7.70 10.89
CA SER A 19 1.06 6.99 9.72
C SER A 19 1.34 7.80 8.44
N HIS A 20 2.53 7.59 7.87
CA HIS A 20 3.03 8.40 6.75
C HIS A 20 2.73 7.70 5.41
N MET A 21 3.29 6.49 5.25
CA MET A 21 3.14 5.65 4.06
C MET A 21 3.22 4.18 4.50
N ASP A 22 2.06 3.52 4.59
CA ASP A 22 1.94 2.12 5.07
C ASP A 22 1.52 1.21 3.92
N ILE A 23 2.21 0.08 3.79
CA ILE A 23 1.90 -0.95 2.77
C ILE A 23 0.52 -1.58 3.08
N GLU A 24 0.27 -1.83 4.39
CA GLU A 24 -0.99 -2.40 4.87
C GLU A 24 -2.21 -1.49 4.56
N GLU A 25 -1.96 -0.16 4.60
CA GLU A 25 -3.00 0.86 4.37
C GLU A 25 -3.69 0.65 3.01
N ILE A 26 -2.89 0.51 1.95
CA ILE A 26 -3.41 0.26 0.60
C ILE A 26 -3.89 -1.20 0.49
N GLU A 27 -3.11 -2.13 1.06
CA GLU A 27 -3.34 -3.61 0.97
C GLU A 27 -4.80 -4.01 1.28
N LYS A 28 -5.30 -3.57 2.43
CA LYS A 28 -6.64 -3.95 2.92
C LYS A 28 -7.77 -3.26 2.14
N LYS A 29 -7.50 -2.04 1.64
CA LYS A 29 -8.47 -1.25 0.85
C LYS A 29 -8.58 -1.79 -0.59
N ALA A 30 -7.43 -2.21 -1.14
CA ALA A 30 -7.30 -2.72 -2.52
C ALA A 30 -7.81 -4.16 -2.62
N ARG A 31 -7.61 -4.92 -1.51
CA ARG A 31 -8.09 -6.30 -1.37
C ARG A 31 -9.61 -6.37 -1.57
N LYS A 32 -10.33 -5.36 -1.03
CA LYS A 32 -11.81 -5.26 -1.10
C LYS A 32 -12.33 -5.40 -2.55
N ILE A 33 -11.60 -4.78 -3.49
CA ILE A 33 -11.93 -4.82 -4.92
C ILE A 33 -11.72 -6.26 -5.47
N LEU A 34 -10.53 -6.81 -5.20
CA LEU A 34 -10.09 -8.12 -5.71
C LEU A 34 -10.83 -9.27 -4.99
N GLU A 35 -11.48 -8.94 -3.86
CA GLU A 35 -12.18 -9.91 -2.99
C GLU A 35 -13.49 -10.37 -3.64
N LYS A 36 -14.17 -9.43 -4.32
CA LYS A 36 -15.37 -9.74 -5.13
C LYS A 36 -14.97 -10.24 -6.53
N GLY A 37 -13.64 -10.21 -6.83
CA GLY A 37 -13.10 -10.77 -8.08
C GLY A 37 -12.94 -9.73 -9.17
N ASP A 38 -12.70 -8.48 -8.77
CA ASP A 38 -12.57 -7.33 -9.69
C ASP A 38 -11.10 -6.91 -9.85
N SER A 39 -10.90 -5.74 -10.49
CA SER A 39 -9.57 -5.15 -10.75
C SER A 39 -9.62 -3.65 -10.50
N ILE A 40 -8.50 -3.08 -10.01
CA ILE A 40 -8.39 -1.63 -9.74
C ILE A 40 -7.01 -1.11 -10.17
N GLU A 41 -7.00 0.00 -10.91
CA GLU A 41 -5.77 0.67 -11.37
C GLU A 41 -5.14 1.48 -10.21
N ILE A 42 -3.93 1.08 -9.78
CA ILE A 42 -3.20 1.73 -8.68
C ILE A 42 -1.74 1.95 -9.12
N ALA A 43 -1.33 3.23 -9.22
CA ALA A 43 0.09 3.65 -9.38
C ALA A 43 0.80 3.00 -10.60
N GLY A 44 0.07 2.86 -11.73
CA GLY A 44 0.64 2.38 -13.00
C GLY A 44 0.36 0.89 -13.26
N PHE A 45 -0.14 0.19 -12.23
CA PHE A 45 -0.45 -1.26 -12.31
C PHE A 45 -1.94 -1.49 -12.01
N GLU A 46 -2.68 -2.02 -13.01
CA GLU A 46 -4.09 -2.44 -12.83
C GLU A 46 -4.13 -3.81 -12.13
N VAL A 47 -4.12 -3.76 -10.79
CA VAL A 47 -4.00 -4.98 -9.96
C VAL A 47 -5.28 -5.84 -10.04
N ARG A 48 -5.09 -7.15 -10.28
CA ARG A 48 -6.17 -8.11 -10.56
C ARG A 48 -6.15 -9.26 -9.53
N ASP A 49 -5.05 -10.03 -9.53
CA ASP A 49 -4.92 -11.25 -8.71
C ASP A 49 -4.10 -10.96 -7.44
N GLU A 50 -4.14 -11.90 -6.46
CA GLU A 50 -3.44 -11.75 -5.18
C GLU A 50 -1.90 -11.93 -5.31
N GLU A 51 -1.45 -12.60 -6.40
CA GLU A 51 -0.02 -12.63 -6.78
C GLU A 51 0.42 -11.25 -7.32
N ASP A 52 -0.50 -10.58 -8.04
CA ASP A 52 -0.25 -9.22 -8.60
C ASP A 52 -0.37 -8.17 -7.49
N LEU A 53 -1.12 -8.50 -6.42
CA LEU A 53 -1.26 -7.65 -5.22
C LEU A 53 0.14 -7.49 -4.57
N LYS A 54 0.91 -8.57 -4.58
CA LYS A 54 2.29 -8.60 -4.06
C LYS A 54 3.21 -7.68 -4.88
N LYS A 55 2.95 -7.59 -6.21
CA LYS A 55 3.70 -6.73 -7.14
C LYS A 55 3.49 -5.23 -6.82
N ILE A 56 2.20 -4.82 -6.73
CA ILE A 56 1.85 -3.39 -6.51
C ILE A 56 2.24 -2.93 -5.08
N LEU A 57 2.12 -3.82 -4.08
CA LEU A 57 2.54 -3.49 -2.68
C LEU A 57 4.05 -3.27 -2.59
N GLU A 58 4.81 -4.00 -3.42
CA GLU A 58 6.27 -3.87 -3.51
C GLU A 58 6.63 -2.52 -4.16
N TRP A 59 5.85 -2.14 -5.19
CA TRP A 59 6.00 -0.86 -5.89
C TRP A 59 5.75 0.31 -4.93
N LEU A 60 4.67 0.20 -4.14
CA LEU A 60 4.25 1.23 -3.18
C LEU A 60 5.18 1.29 -1.96
N ARG A 61 5.89 0.19 -1.71
CA ARG A 61 6.92 0.09 -0.65
C ARG A 61 8.15 0.95 -1.04
N ARG A 62 8.51 0.91 -2.35
CA ARG A 62 9.64 1.65 -2.91
C ARG A 62 9.16 2.93 -3.65
N HIS A 63 7.90 3.35 -3.38
CA HIS A 63 7.29 4.57 -3.97
C HIS A 63 7.39 5.74 -2.94
N GLY A 64 8.38 5.64 -2.04
CA GLY A 64 8.60 6.63 -0.99
C GLY A 64 10.08 6.88 -0.72
N MET A 1 31.06 49.59 -2.13
CA MET A 1 29.76 50.22 -2.49
C MET A 1 28.68 49.85 -1.46
N GLY A 2 27.61 50.66 -1.40
CA GLY A 2 26.49 50.42 -0.49
C GLY A 2 26.81 50.81 0.96
N SER A 3 26.51 52.08 1.30
CA SER A 3 26.63 52.59 2.67
C SER A 3 25.68 51.84 3.62
N SER A 4 24.46 51.57 3.13
CA SER A 4 23.45 50.77 3.83
C SER A 4 23.76 49.27 3.68
N HIS A 5 24.22 48.65 4.78
CA HIS A 5 24.73 47.26 4.77
C HIS A 5 23.58 46.24 4.79
N HIS A 6 22.51 46.58 5.51
CA HIS A 6 21.36 45.69 5.74
C HIS A 6 20.07 46.50 5.96
N HIS A 7 19.04 46.21 5.16
CA HIS A 7 17.69 46.80 5.34
C HIS A 7 16.79 45.78 6.07
N HIS A 8 16.66 44.59 5.49
CA HIS A 8 15.90 43.45 6.07
C HIS A 8 16.56 42.11 5.71
N HIS A 9 16.10 41.04 6.37
CA HIS A 9 16.46 39.64 6.08
C HIS A 9 15.17 38.82 6.06
N HIS A 10 15.06 37.84 5.14
CA HIS A 10 13.83 37.04 4.95
C HIS A 10 14.16 35.55 4.99
N SER A 11 14.18 34.98 6.21
CA SER A 11 14.42 33.54 6.43
C SER A 11 13.18 32.73 6.05
N SER A 12 13.34 31.85 5.07
CA SER A 12 12.29 30.93 4.59
C SER A 12 12.90 29.53 4.40
N GLY A 13 12.12 28.50 4.72
CA GLY A 13 12.56 27.11 4.65
C GLY A 13 11.45 26.15 5.04
N LEU A 14 11.63 24.87 4.71
CA LEU A 14 10.65 23.81 4.94
C LEU A 14 11.35 22.44 4.91
N VAL A 15 11.40 21.78 6.07
CA VAL A 15 12.00 20.42 6.22
C VAL A 15 10.91 19.37 6.60
N PRO A 16 10.23 18.74 5.58
CA PRO A 16 9.25 17.66 5.81
C PRO A 16 9.95 16.34 6.26
N ARG A 17 10.09 16.18 7.58
CA ARG A 17 10.78 15.04 8.20
C ARG A 17 9.86 14.45 9.30
N GLY A 18 9.31 13.25 9.06
CA GLY A 18 8.46 12.58 10.04
C GLY A 18 7.77 11.32 9.51
N SER A 19 6.98 10.67 10.39
CA SER A 19 6.29 9.40 10.09
C SER A 19 5.06 9.65 9.19
N HIS A 20 5.04 8.99 8.02
CA HIS A 20 3.91 9.04 7.06
C HIS A 20 4.00 7.92 6.02
N MET A 21 2.89 7.74 5.25
CA MET A 21 2.77 6.74 4.16
C MET A 21 2.79 5.29 4.71
N ASP A 22 1.59 4.74 4.97
CA ASP A 22 1.42 3.39 5.57
C ASP A 22 0.94 2.37 4.52
N ILE A 23 1.67 1.25 4.42
CA ILE A 23 1.46 0.21 3.39
C ILE A 23 0.24 -0.69 3.72
N GLU A 24 -0.13 -0.73 5.03
CA GLU A 24 -1.22 -1.61 5.55
C GLU A 24 -2.56 -1.41 4.80
N GLU A 25 -2.93 -0.13 4.58
CA GLU A 25 -4.24 0.26 4.05
C GLU A 25 -4.33 0.06 2.53
N ILE A 26 -3.15 0.07 1.84
CA ILE A 26 -3.07 -0.10 0.38
C ILE A 26 -3.66 -1.45 -0.03
N GLU A 27 -3.13 -2.52 0.60
CA GLU A 27 -3.62 -3.89 0.41
C GLU A 27 -5.06 -4.01 0.92
N LYS A 28 -5.31 -3.42 2.10
CA LYS A 28 -6.56 -3.59 2.84
C LYS A 28 -7.79 -3.12 2.03
N LYS A 29 -7.60 -2.11 1.18
CA LYS A 29 -8.65 -1.60 0.26
C LYS A 29 -8.82 -2.55 -0.94
N ALA A 30 -7.67 -2.87 -1.58
CA ALA A 30 -7.60 -3.61 -2.86
C ALA A 30 -8.08 -5.07 -2.75
N ARG A 31 -7.56 -5.75 -1.72
CA ARG A 31 -7.73 -7.21 -1.49
C ARG A 31 -9.22 -7.62 -1.43
N LYS A 32 -10.05 -6.70 -0.89
CA LYS A 32 -11.52 -6.84 -0.85
C LYS A 32 -12.10 -6.81 -2.28
N ILE A 33 -11.67 -5.80 -3.07
CA ILE A 33 -12.13 -5.57 -4.45
C ILE A 33 -11.77 -6.76 -5.37
N LEU A 34 -10.60 -7.37 -5.11
CA LEU A 34 -10.08 -8.52 -5.89
C LEU A 34 -10.87 -9.79 -5.55
N GLU A 35 -11.36 -9.86 -4.28
CA GLU A 35 -12.22 -10.97 -3.80
C GLU A 35 -13.64 -10.84 -4.39
N LYS A 36 -14.05 -9.59 -4.68
CA LYS A 36 -15.32 -9.29 -5.39
C LYS A 36 -15.27 -9.81 -6.83
N GLY A 37 -14.03 -9.89 -7.38
CA GLY A 37 -13.80 -10.30 -8.77
C GLY A 37 -13.68 -9.09 -9.68
N ASP A 38 -13.15 -8.00 -9.13
CA ASP A 38 -13.06 -6.69 -9.78
C ASP A 38 -11.60 -6.19 -9.76
N SER A 39 -11.25 -5.39 -10.76
CA SER A 39 -9.92 -4.77 -10.89
C SER A 39 -9.86 -3.44 -10.11
N ILE A 40 -8.69 -3.14 -9.55
CA ILE A 40 -8.37 -1.85 -8.91
C ILE A 40 -7.09 -1.28 -9.54
N GLU A 41 -7.14 -0.01 -9.97
CA GLU A 41 -6.01 0.70 -10.60
C GLU A 41 -5.14 1.36 -9.50
N ILE A 42 -4.05 0.69 -9.10
CA ILE A 42 -3.10 1.22 -8.08
C ILE A 42 -1.83 1.69 -8.80
N ALA A 43 -1.63 3.02 -8.87
CA ALA A 43 -0.47 3.68 -9.53
C ALA A 43 -0.42 3.39 -11.04
N GLY A 44 -1.58 3.08 -11.63
CA GLY A 44 -1.68 2.71 -13.06
C GLY A 44 -1.34 1.25 -13.34
N PHE A 45 -0.95 0.50 -12.30
CA PHE A 45 -0.64 -0.94 -12.39
C PHE A 45 -1.95 -1.75 -12.35
N GLU A 46 -2.07 -2.75 -13.24
CA GLU A 46 -3.25 -3.60 -13.36
C GLU A 46 -3.26 -4.64 -12.23
N VAL A 47 -4.04 -4.35 -11.19
CA VAL A 47 -4.20 -5.23 -10.02
C VAL A 47 -5.59 -5.91 -10.11
N ARG A 48 -5.63 -7.14 -10.65
CA ARG A 48 -6.86 -7.95 -10.73
C ARG A 48 -6.76 -9.15 -9.78
N ASP A 49 -5.56 -9.73 -9.75
CA ASP A 49 -5.24 -10.87 -8.88
C ASP A 49 -4.61 -10.36 -7.58
N GLU A 50 -4.88 -11.08 -6.48
CA GLU A 50 -4.20 -10.89 -5.18
C GLU A 50 -2.69 -11.22 -5.31
N GLU A 51 -2.36 -11.99 -6.37
CA GLU A 51 -0.98 -12.28 -6.81
C GLU A 51 -0.26 -10.97 -7.22
N ASP A 52 -0.90 -10.19 -8.12
CA ASP A 52 -0.33 -8.91 -8.65
C ASP A 52 -0.28 -7.83 -7.56
N LEU A 53 -1.20 -7.92 -6.58
CA LEU A 53 -1.24 -7.01 -5.43
C LEU A 53 0.03 -7.13 -4.57
N LYS A 54 0.64 -8.32 -4.55
CA LYS A 54 1.93 -8.56 -3.85
C LYS A 54 3.04 -7.69 -4.44
N LYS A 55 3.07 -7.59 -5.78
CA LYS A 55 4.13 -6.90 -6.55
C LYS A 55 4.05 -5.37 -6.39
N ILE A 56 2.83 -4.81 -6.44
CA ILE A 56 2.62 -3.36 -6.34
C ILE A 56 2.98 -2.84 -4.93
N LEU A 57 2.73 -3.66 -3.89
CA LEU A 57 3.11 -3.35 -2.50
C LEU A 57 4.64 -3.20 -2.34
N GLU A 58 5.39 -4.00 -3.12
CA GLU A 58 6.86 -3.91 -3.17
C GLU A 58 7.30 -2.54 -3.73
N TRP A 59 6.56 -2.05 -4.76
CA TRP A 59 6.85 -0.74 -5.41
C TRP A 59 6.54 0.45 -4.48
N LEU A 60 5.53 0.30 -3.62
CA LEU A 60 5.19 1.31 -2.61
C LEU A 60 6.18 1.27 -1.41
N ARG A 61 6.85 0.11 -1.23
CA ARG A 61 7.98 -0.03 -0.30
C ARG A 61 9.29 0.49 -0.98
N ARG A 62 9.28 0.46 -2.33
CA ARG A 62 10.39 0.98 -3.18
C ARG A 62 10.10 2.42 -3.63
N HIS A 63 9.22 3.12 -2.89
CA HIS A 63 8.86 4.54 -3.10
C HIS A 63 10.10 5.48 -3.21
N GLY A 64 9.84 6.74 -3.60
CA GLY A 64 10.87 7.78 -3.73
C GLY A 64 11.58 8.07 -2.40
N MET A 1 -24.74 34.76 19.20
CA MET A 1 -23.64 35.54 18.56
C MET A 1 -22.46 35.76 19.53
N GLY A 2 -22.65 35.31 20.78
CA GLY A 2 -21.61 35.41 21.81
C GLY A 2 -20.79 34.13 21.91
N SER A 3 -19.71 34.05 21.12
CA SER A 3 -18.73 32.95 21.19
C SER A 3 -17.92 33.08 22.51
N SER A 4 -18.00 32.06 23.38
CA SER A 4 -17.37 32.06 24.71
C SER A 4 -16.71 30.70 24.98
N HIS A 5 -15.85 30.64 26.00
CA HIS A 5 -15.14 29.41 26.42
C HIS A 5 -14.54 29.58 27.82
N HIS A 6 -13.90 28.51 28.33
CA HIS A 6 -13.16 28.51 29.62
C HIS A 6 -12.18 27.33 29.65
N HIS A 7 -11.28 27.30 30.66
CA HIS A 7 -10.29 26.21 30.82
C HIS A 7 -11.02 24.88 31.10
N HIS A 8 -10.72 23.84 30.30
CA HIS A 8 -11.30 22.49 30.44
C HIS A 8 -10.21 21.40 30.57
N HIS A 9 -9.43 21.15 29.49
CA HIS A 9 -8.36 20.12 29.50
C HIS A 9 -7.40 20.37 28.32
N HIS A 10 -6.10 20.11 28.52
CA HIS A 10 -5.07 20.16 27.45
C HIS A 10 -4.71 18.76 26.95
N SER A 11 -4.94 17.75 27.80
CA SER A 11 -4.63 16.34 27.50
C SER A 11 -5.48 15.84 26.32
N SER A 12 -4.86 15.77 25.12
CA SER A 12 -5.54 15.40 23.87
C SER A 12 -4.49 14.85 22.89
N GLY A 13 -4.19 13.55 23.04
CA GLY A 13 -3.26 12.84 22.15
C GLY A 13 -3.91 11.63 21.48
N LEU A 14 -5.25 11.67 21.41
CA LEU A 14 -6.06 10.60 20.81
C LEU A 14 -5.94 10.69 19.29
N VAL A 15 -5.38 9.64 18.66
CA VAL A 15 -5.12 9.58 17.21
C VAL A 15 -4.13 10.70 16.76
N PRO A 16 -2.80 10.54 17.07
CA PRO A 16 -1.76 11.47 16.57
C PRO A 16 -1.36 11.19 15.11
N ARG A 17 -1.55 9.92 14.68
CA ARG A 17 -1.19 9.40 13.34
C ARG A 17 0.29 9.65 13.03
N GLY A 18 1.15 8.92 13.75
CA GLY A 18 2.59 8.96 13.52
C GLY A 18 3.02 8.00 12.42
N SER A 19 3.95 8.45 11.56
CA SER A 19 4.42 7.70 10.37
C SER A 19 3.25 7.45 9.39
N HIS A 20 2.79 8.54 8.75
CA HIS A 20 1.65 8.50 7.81
C HIS A 20 2.05 7.85 6.47
N MET A 21 1.09 7.81 5.50
CA MET A 21 1.23 7.09 4.23
C MET A 21 1.36 5.58 4.49
N ASP A 22 0.19 4.92 4.60
CA ASP A 22 0.08 3.50 4.98
C ASP A 22 -0.02 2.63 3.71
N ILE A 23 1.11 1.99 3.35
CA ILE A 23 1.21 1.12 2.17
C ILE A 23 0.50 -0.22 2.46
N GLU A 24 0.70 -0.76 3.67
CA GLU A 24 0.10 -2.05 4.10
C GLU A 24 -1.44 -1.95 4.21
N GLU A 25 -1.96 -0.72 4.35
CA GLU A 25 -3.42 -0.44 4.27
C GLU A 25 -3.94 -0.76 2.85
N ILE A 26 -3.14 -0.43 1.82
CA ILE A 26 -3.48 -0.64 0.39
C ILE A 26 -3.70 -2.14 0.10
N GLU A 27 -2.97 -3.02 0.82
CA GLU A 27 -3.19 -4.49 0.83
C GLU A 27 -4.65 -4.80 1.20
N LYS A 28 -5.10 -4.19 2.31
CA LYS A 28 -6.42 -4.45 2.91
C LYS A 28 -7.55 -3.94 1.99
N LYS A 29 -7.29 -2.79 1.36
CA LYS A 29 -8.24 -2.12 0.45
C LYS A 29 -8.41 -2.92 -0.85
N ALA A 30 -7.28 -3.11 -1.55
CA ALA A 30 -7.20 -3.64 -2.90
C ALA A 30 -7.59 -5.12 -2.98
N ARG A 31 -7.21 -5.89 -1.94
CA ARG A 31 -7.54 -7.33 -1.86
C ARG A 31 -9.05 -7.51 -1.63
N LYS A 32 -9.67 -6.58 -0.88
CA LYS A 32 -11.13 -6.61 -0.62
C LYS A 32 -11.91 -6.23 -1.90
N ILE A 33 -11.25 -5.45 -2.78
CA ILE A 33 -11.76 -5.13 -4.14
C ILE A 33 -11.74 -6.40 -5.02
N LEU A 34 -10.70 -7.24 -4.86
CA LEU A 34 -10.61 -8.57 -5.49
C LEU A 34 -11.65 -9.53 -4.87
N GLU A 35 -11.96 -9.34 -3.57
CA GLU A 35 -12.98 -10.13 -2.85
C GLU A 35 -14.39 -9.81 -3.41
N LYS A 36 -14.58 -8.54 -3.80
CA LYS A 36 -15.75 -8.08 -4.57
C LYS A 36 -15.75 -8.74 -5.97
N GLY A 37 -14.56 -8.80 -6.60
CA GLY A 37 -14.38 -9.40 -7.93
C GLY A 37 -13.97 -8.39 -8.99
N ASP A 38 -13.66 -7.14 -8.56
CA ASP A 38 -13.15 -6.08 -9.44
C ASP A 38 -11.62 -6.04 -9.39
N SER A 39 -11.02 -5.51 -10.46
CA SER A 39 -9.58 -5.19 -10.52
C SER A 39 -9.40 -3.69 -10.23
N ILE A 40 -8.36 -3.35 -9.46
CA ILE A 40 -8.08 -1.96 -9.06
C ILE A 40 -6.84 -1.43 -9.78
N GLU A 41 -6.90 -0.18 -10.25
CA GLU A 41 -5.82 0.44 -11.03
C GLU A 41 -4.96 1.33 -10.14
N ILE A 42 -3.70 0.91 -9.86
CA ILE A 42 -2.70 1.76 -9.18
C ILE A 42 -1.64 2.18 -10.23
N ALA A 43 -1.49 3.51 -10.41
CA ALA A 43 -0.43 4.11 -11.27
C ALA A 43 -0.59 3.75 -12.76
N GLY A 44 -1.82 3.39 -13.17
CA GLY A 44 -2.12 2.97 -14.55
C GLY A 44 -2.16 1.44 -14.70
N PHE A 45 -1.52 0.73 -13.76
CA PHE A 45 -1.46 -0.74 -13.75
C PHE A 45 -2.69 -1.32 -13.03
N GLU A 46 -3.48 -2.11 -13.76
CA GLU A 46 -4.69 -2.76 -13.21
C GLU A 46 -4.33 -4.13 -12.60
N VAL A 47 -4.21 -4.16 -11.28
CA VAL A 47 -3.89 -5.39 -10.54
C VAL A 47 -5.18 -6.21 -10.27
N ARG A 48 -5.06 -7.54 -10.46
CA ARG A 48 -6.22 -8.46 -10.52
C ARG A 48 -6.01 -9.75 -9.70
N ASP A 49 -4.74 -10.10 -9.38
CA ASP A 49 -4.43 -11.31 -8.55
C ASP A 49 -3.79 -10.89 -7.22
N GLU A 50 -3.92 -11.77 -6.23
CA GLU A 50 -3.27 -11.63 -4.90
C GLU A 50 -1.74 -11.71 -5.02
N GLU A 51 -1.30 -12.59 -5.95
CA GLU A 51 0.10 -12.75 -6.35
C GLU A 51 0.62 -11.44 -6.99
N ASP A 52 -0.23 -10.87 -7.85
CA ASP A 52 0.05 -9.65 -8.61
C ASP A 52 0.03 -8.42 -7.67
N LEU A 53 -0.82 -8.49 -6.62
CA LEU A 53 -0.96 -7.43 -5.59
C LEU A 53 0.37 -7.16 -4.91
N LYS A 54 1.12 -8.22 -4.62
CA LYS A 54 2.40 -8.13 -3.93
C LYS A 54 3.42 -7.30 -4.72
N LYS A 55 3.37 -7.42 -6.07
CA LYS A 55 4.32 -6.74 -6.97
C LYS A 55 4.08 -5.22 -7.04
N ILE A 56 2.79 -4.82 -7.05
CA ILE A 56 2.42 -3.39 -7.07
C ILE A 56 2.54 -2.76 -5.65
N LEU A 57 2.22 -3.57 -4.62
CA LEU A 57 2.20 -3.14 -3.20
C LEU A 57 3.62 -2.82 -2.69
N GLU A 58 4.57 -3.75 -2.95
CA GLU A 58 5.96 -3.64 -2.51
C GLU A 58 6.61 -2.35 -3.05
N TRP A 59 6.22 -1.97 -4.29
CA TRP A 59 6.76 -0.78 -4.96
C TRP A 59 6.41 0.52 -4.21
N LEU A 60 5.16 0.62 -3.72
CA LEU A 60 4.70 1.78 -2.91
C LEU A 60 5.55 1.93 -1.63
N ARG A 61 5.97 0.79 -1.05
CA ARG A 61 6.79 0.74 0.17
C ARG A 61 8.28 0.96 -0.14
N ARG A 62 8.71 0.58 -1.37
CA ARG A 62 10.07 0.84 -1.89
C ARG A 62 10.24 2.33 -2.21
N HIS A 63 9.12 2.97 -2.59
CA HIS A 63 9.10 4.36 -3.03
C HIS A 63 9.19 5.31 -1.80
N GLY A 64 10.43 5.54 -1.36
CA GLY A 64 10.72 6.43 -0.23
C GLY A 64 12.20 6.39 0.14
N MET A 1 46.32 -4.99 6.59
CA MET A 1 46.17 -6.44 6.29
C MET A 1 44.82 -6.95 6.82
N GLY A 2 44.11 -7.72 5.98
CA GLY A 2 42.80 -8.28 6.34
C GLY A 2 41.97 -8.57 5.10
N SER A 3 40.66 -8.32 5.20
CA SER A 3 39.67 -8.55 4.13
C SER A 3 38.37 -7.75 4.41
N SER A 4 37.35 -7.95 3.55
CA SER A 4 36.02 -7.32 3.71
C SER A 4 34.97 -8.41 3.98
N HIS A 5 34.35 -8.35 5.17
CA HIS A 5 33.31 -9.31 5.59
C HIS A 5 32.00 -9.06 4.80
N HIS A 6 31.63 -10.02 3.94
CA HIS A 6 30.40 -9.96 3.12
C HIS A 6 29.17 -10.20 4.01
N HIS A 7 28.72 -9.13 4.66
CA HIS A 7 27.53 -9.14 5.53
C HIS A 7 26.28 -8.80 4.69
N HIS A 8 25.19 -9.53 4.93
CA HIS A 8 23.91 -9.37 4.19
C HIS A 8 23.12 -8.17 4.76
N HIS A 9 22.04 -7.79 4.06
CA HIS A 9 21.15 -6.70 4.49
C HIS A 9 20.09 -7.26 5.46
N HIS A 10 20.51 -7.47 6.72
CA HIS A 10 19.59 -7.91 7.78
C HIS A 10 18.76 -6.69 8.22
N SER A 11 17.53 -6.58 7.68
CA SER A 11 16.61 -5.49 7.98
C SER A 11 16.10 -5.62 9.44
N SER A 12 16.70 -4.85 10.36
CA SER A 12 16.28 -4.79 11.76
C SER A 12 15.02 -3.91 11.89
N GLY A 13 13.87 -4.51 11.55
CA GLY A 13 12.58 -3.81 11.57
C GLY A 13 11.44 -4.80 11.74
N LEU A 14 11.61 -5.74 12.69
CA LEU A 14 10.59 -6.74 13.06
C LEU A 14 9.34 -6.05 13.68
N VAL A 15 9.56 -4.87 14.29
CA VAL A 15 8.50 -4.06 14.88
C VAL A 15 7.87 -3.13 13.81
N PRO A 16 6.50 -3.01 13.77
CA PRO A 16 5.79 -2.05 12.86
C PRO A 16 6.11 -0.56 13.16
N ARG A 17 6.46 -0.27 14.44
CA ARG A 17 6.81 1.09 14.88
C ARG A 17 8.15 1.53 14.25
N GLY A 18 8.26 2.84 13.99
CA GLY A 18 9.42 3.40 13.29
C GLY A 18 9.22 3.36 11.77
N SER A 19 8.73 2.21 11.26
CA SER A 19 8.37 2.03 9.85
C SER A 19 7.06 2.79 9.56
N HIS A 20 7.20 4.11 9.27
CA HIS A 20 6.05 4.97 8.93
C HIS A 20 5.47 4.59 7.57
N MET A 21 4.14 4.83 7.42
CA MET A 21 3.34 4.55 6.22
C MET A 21 3.25 3.03 6.02
N ASP A 22 2.32 2.41 6.77
CA ASP A 22 2.05 0.97 6.69
C ASP A 22 1.33 0.67 5.36
N ILE A 23 2.12 0.33 4.34
CA ILE A 23 1.62 0.11 2.95
C ILE A 23 0.63 -1.07 2.88
N GLU A 24 0.73 -1.97 3.86
CA GLU A 24 -0.15 -3.15 4.04
C GLU A 24 -1.66 -2.78 4.10
N GLU A 25 -1.98 -1.54 4.52
CA GLU A 25 -3.37 -1.06 4.59
C GLU A 25 -3.96 -0.96 3.17
N ILE A 26 -3.11 -0.54 2.21
CA ILE A 26 -3.47 -0.45 0.78
C ILE A 26 -3.84 -1.84 0.24
N GLU A 27 -3.09 -2.86 0.69
CA GLU A 27 -3.35 -4.28 0.35
C GLU A 27 -4.75 -4.69 0.82
N LYS A 28 -5.09 -4.32 2.05
CA LYS A 28 -6.36 -4.75 2.68
C LYS A 28 -7.57 -4.00 2.10
N LYS A 29 -7.33 -2.77 1.60
CA LYS A 29 -8.36 -1.95 0.91
C LYS A 29 -8.65 -2.53 -0.47
N ALA A 30 -7.57 -2.77 -1.24
CA ALA A 30 -7.63 -3.24 -2.63
C ALA A 30 -8.08 -4.70 -2.71
N ARG A 31 -7.79 -5.48 -1.64
CA ARG A 31 -8.21 -6.89 -1.51
C ARG A 31 -9.74 -7.00 -1.45
N LYS A 32 -10.41 -5.95 -0.94
CA LYS A 32 -11.88 -5.85 -0.92
C LYS A 32 -12.46 -5.73 -2.36
N ILE A 33 -11.70 -5.06 -3.25
CA ILE A 33 -12.06 -4.92 -4.67
C ILE A 33 -11.84 -6.27 -5.40
N LEU A 34 -10.73 -6.95 -5.06
CA LEU A 34 -10.39 -8.27 -5.62
C LEU A 34 -11.38 -9.35 -5.12
N GLU A 35 -11.85 -9.15 -3.87
CA GLU A 35 -12.86 -10.00 -3.21
C GLU A 35 -14.22 -9.85 -3.90
N LYS A 36 -14.51 -8.60 -4.34
CA LYS A 36 -15.71 -8.26 -5.13
C LYS A 36 -15.64 -8.89 -6.55
N GLY A 37 -14.45 -9.37 -6.95
CA GLY A 37 -14.23 -9.95 -8.27
C GLY A 37 -14.02 -8.87 -9.32
N ASP A 38 -13.18 -7.90 -8.97
CA ASP A 38 -12.95 -6.68 -9.76
C ASP A 38 -11.46 -6.32 -9.75
N SER A 39 -11.00 -5.70 -10.84
CA SER A 39 -9.61 -5.25 -11.00
C SER A 39 -9.49 -3.80 -10.51
N ILE A 40 -8.45 -3.52 -9.70
CA ILE A 40 -8.13 -2.17 -9.22
C ILE A 40 -6.80 -1.71 -9.85
N GLU A 41 -6.91 -0.81 -10.84
CA GLU A 41 -5.75 -0.24 -11.54
C GLU A 41 -5.07 0.78 -10.61
N ILE A 42 -3.78 0.57 -10.32
CA ILE A 42 -2.91 1.50 -9.57
C ILE A 42 -1.59 1.67 -10.35
N ALA A 43 -1.18 2.94 -10.58
CA ALA A 43 0.11 3.29 -11.25
C ALA A 43 0.17 2.82 -12.73
N GLY A 44 -1.00 2.75 -13.37
CA GLY A 44 -1.14 2.29 -14.77
C GLY A 44 -1.02 0.77 -14.89
N PHE A 45 -1.24 0.06 -13.78
CA PHE A 45 -1.09 -1.40 -13.67
C PHE A 45 -2.35 -2.00 -13.05
N GLU A 46 -3.01 -2.92 -13.77
CA GLU A 46 -4.20 -3.62 -13.27
C GLU A 46 -3.80 -4.68 -12.23
N VAL A 47 -4.19 -4.44 -10.98
CA VAL A 47 -4.13 -5.44 -9.92
C VAL A 47 -5.41 -6.28 -9.97
N ARG A 48 -5.29 -7.52 -10.46
CA ARG A 48 -6.42 -8.46 -10.57
C ARG A 48 -6.30 -9.55 -9.50
N ASP A 49 -5.10 -10.15 -9.42
CA ASP A 49 -4.75 -11.17 -8.42
C ASP A 49 -3.99 -10.51 -7.26
N GLU A 50 -4.00 -11.17 -6.08
CA GLU A 50 -3.37 -10.66 -4.86
C GLU A 50 -1.83 -10.62 -4.95
N GLU A 51 -1.23 -11.37 -5.91
CA GLU A 51 0.22 -11.32 -6.16
C GLU A 51 0.60 -9.99 -6.85
N ASP A 52 -0.29 -9.50 -7.74
CA ASP A 52 -0.17 -8.16 -8.36
C ASP A 52 -0.26 -7.07 -7.28
N LEU A 53 -1.10 -7.37 -6.28
CA LEU A 53 -1.31 -6.52 -5.10
C LEU A 53 -0.07 -6.51 -4.19
N LYS A 54 0.65 -7.64 -4.15
CA LYS A 54 1.93 -7.77 -3.43
C LYS A 54 3.05 -6.98 -4.15
N LYS A 55 2.94 -6.85 -5.48
CA LYS A 55 3.96 -6.14 -6.29
C LYS A 55 3.74 -4.63 -6.26
N ILE A 56 2.46 -4.20 -6.22
CA ILE A 56 2.10 -2.78 -6.06
C ILE A 56 2.36 -2.37 -4.58
N LEU A 57 2.31 -3.36 -3.67
CA LEU A 57 2.66 -3.22 -2.25
C LEU A 57 4.15 -2.81 -2.17
N GLU A 58 5.01 -3.63 -2.81
CA GLU A 58 6.47 -3.42 -2.85
C GLU A 58 6.84 -2.13 -3.62
N TRP A 59 5.99 -1.74 -4.59
CA TRP A 59 6.18 -0.49 -5.36
C TRP A 59 5.99 0.74 -4.46
N LEU A 60 4.84 0.81 -3.78
CA LEU A 60 4.51 1.91 -2.84
C LEU A 60 5.40 1.87 -1.58
N ARG A 61 5.93 0.68 -1.24
CA ARG A 61 6.83 0.48 -0.09
C ARG A 61 8.22 1.05 -0.39
N ARG A 62 8.66 0.89 -1.66
CA ARG A 62 9.96 1.41 -2.13
C ARG A 62 9.78 2.72 -2.94
N HIS A 63 8.60 3.38 -2.76
CA HIS A 63 8.27 4.65 -3.41
C HIS A 63 8.99 5.82 -2.67
N GLY A 64 10.30 5.92 -2.92
CA GLY A 64 11.15 6.94 -2.28
C GLY A 64 12.40 7.25 -3.12
N MET A 1 19.46 37.53 7.10
CA MET A 1 20.27 36.28 7.11
C MET A 1 21.62 36.53 7.82
N GLY A 2 22.31 35.42 8.18
CA GLY A 2 23.62 35.51 8.84
C GLY A 2 24.22 34.14 9.12
N SER A 3 25.56 34.06 9.16
CA SER A 3 26.30 32.81 9.42
C SER A 3 26.65 32.70 10.91
N SER A 4 25.60 32.75 11.75
CA SER A 4 25.73 32.58 13.21
C SER A 4 26.21 31.15 13.55
N HIS A 5 25.59 30.19 12.85
CA HIS A 5 26.00 28.77 12.90
C HIS A 5 27.09 28.53 11.84
N HIS A 6 28.22 27.96 12.29
CA HIS A 6 29.38 27.65 11.43
C HIS A 6 29.49 26.14 11.19
N HIS A 7 30.50 25.76 10.41
CA HIS A 7 30.79 24.36 10.05
C HIS A 7 31.07 23.52 11.33
N HIS A 8 30.33 22.41 11.49
CA HIS A 8 30.42 21.55 12.68
C HIS A 8 30.28 20.08 12.28
N HIS A 9 31.02 19.20 12.98
CA HIS A 9 30.95 17.74 12.77
C HIS A 9 29.70 17.16 13.45
N HIS A 10 28.74 16.72 12.63
CA HIS A 10 27.55 15.99 13.09
C HIS A 10 27.02 15.14 11.94
N SER A 11 26.96 13.82 12.16
CA SER A 11 26.49 12.84 11.17
C SER A 11 25.78 11.68 11.90
N SER A 12 25.52 10.57 11.16
CA SER A 12 24.86 9.35 11.66
C SER A 12 23.51 9.66 12.35
N GLY A 13 22.80 10.66 11.81
CA GLY A 13 21.50 11.06 12.30
C GLY A 13 20.41 10.08 11.91
N LEU A 14 20.39 8.93 12.63
CA LEU A 14 19.47 7.81 12.35
C LEU A 14 18.05 8.19 12.80
N VAL A 15 17.28 8.76 11.85
CA VAL A 15 15.88 9.15 12.08
C VAL A 15 15.02 7.88 12.26
N PRO A 16 14.05 7.87 13.23
CA PRO A 16 13.19 6.69 13.48
C PRO A 16 12.30 6.39 12.28
N ARG A 17 12.12 5.10 11.95
CA ARG A 17 11.24 4.68 10.84
C ARG A 17 9.79 4.95 11.27
N GLY A 18 9.29 6.14 10.88
CA GLY A 18 7.94 6.57 11.19
C GLY A 18 7.25 7.05 9.92
N SER A 19 6.35 6.23 9.39
CA SER A 19 5.52 6.57 8.23
C SER A 19 4.07 6.78 8.69
N HIS A 20 3.39 7.76 8.09
CA HIS A 20 1.96 8.03 8.36
C HIS A 20 1.05 7.41 7.28
N MET A 21 1.66 6.58 6.42
CA MET A 21 0.96 5.70 5.47
C MET A 21 1.78 4.41 5.30
N ASP A 22 1.32 3.32 5.91
CA ASP A 22 1.85 1.97 5.64
C ASP A 22 1.05 1.35 4.50
N ILE A 23 1.76 0.79 3.52
CA ILE A 23 1.16 0.23 2.29
C ILE A 23 0.36 -1.07 2.60
N GLU A 24 0.50 -1.57 3.83
CA GLU A 24 -0.32 -2.68 4.36
C GLU A 24 -1.83 -2.30 4.41
N GLU A 25 -2.13 -0.99 4.62
CA GLU A 25 -3.53 -0.49 4.58
C GLU A 25 -4.10 -0.56 3.15
N ILE A 26 -3.20 -0.32 2.18
CA ILE A 26 -3.52 -0.36 0.74
C ILE A 26 -3.75 -1.82 0.31
N GLU A 27 -2.94 -2.73 0.90
CA GLU A 27 -3.06 -4.18 0.70
C GLU A 27 -4.47 -4.64 1.06
N LYS A 28 -4.97 -4.17 2.22
CA LYS A 28 -6.30 -4.54 2.75
C LYS A 28 -7.41 -4.11 1.77
N LYS A 29 -7.39 -2.81 1.43
CA LYS A 29 -8.39 -2.15 0.59
C LYS A 29 -8.45 -2.80 -0.81
N ALA A 30 -7.28 -2.87 -1.44
CA ALA A 30 -7.13 -3.38 -2.81
C ALA A 30 -7.51 -4.87 -2.89
N ARG A 31 -7.15 -5.66 -1.84
CA ARG A 31 -7.47 -7.10 -1.79
C ARG A 31 -8.98 -7.30 -1.77
N LYS A 32 -9.70 -6.47 -0.98
CA LYS A 32 -11.16 -6.57 -0.84
C LYS A 32 -11.90 -6.12 -2.12
N ILE A 33 -11.24 -5.25 -2.91
CA ILE A 33 -11.70 -4.86 -4.25
C ILE A 33 -11.66 -6.10 -5.19
N LEU A 34 -10.52 -6.82 -5.14
CA LEU A 34 -10.28 -8.03 -5.94
C LEU A 34 -11.17 -9.20 -5.45
N GLU A 35 -11.48 -9.16 -4.15
CA GLU A 35 -12.34 -10.14 -3.47
C GLU A 35 -13.80 -10.00 -3.93
N LYS A 36 -14.24 -8.74 -4.07
CA LYS A 36 -15.58 -8.41 -4.59
C LYS A 36 -15.71 -8.82 -6.07
N GLY A 37 -14.56 -8.89 -6.76
CA GLY A 37 -14.47 -9.36 -8.14
C GLY A 37 -14.00 -8.30 -9.12
N ASP A 38 -13.59 -7.14 -8.57
CA ASP A 38 -13.16 -5.96 -9.34
C ASP A 38 -11.63 -5.96 -9.50
N SER A 39 -11.13 -4.90 -10.16
CA SER A 39 -9.70 -4.67 -10.38
C SER A 39 -9.36 -3.21 -10.05
N ILE A 40 -8.16 -2.98 -9.51
CA ILE A 40 -7.68 -1.65 -9.10
C ILE A 40 -6.31 -1.40 -9.76
N GLU A 41 -6.11 -0.19 -10.31
CA GLU A 41 -4.84 0.20 -10.96
C GLU A 41 -4.14 1.24 -10.08
N ILE A 42 -2.93 0.91 -9.58
CA ILE A 42 -2.12 1.82 -8.75
C ILE A 42 -0.69 1.92 -9.33
N ALA A 43 -0.19 3.16 -9.46
CA ALA A 43 1.22 3.47 -9.85
C ALA A 43 1.57 2.95 -11.26
N GLY A 44 0.55 2.77 -12.11
CA GLY A 44 0.71 2.24 -13.47
C GLY A 44 0.50 0.73 -13.56
N PHE A 45 0.46 0.06 -12.40
CA PHE A 45 0.32 -1.41 -12.30
C PHE A 45 -1.17 -1.77 -12.14
N GLU A 46 -1.69 -2.51 -13.11
CA GLU A 46 -3.09 -2.97 -13.13
C GLU A 46 -3.22 -4.24 -12.24
N VAL A 47 -3.59 -4.01 -10.97
CA VAL A 47 -3.76 -5.09 -9.99
C VAL A 47 -5.14 -5.75 -10.16
N ARG A 48 -5.15 -6.95 -10.77
CA ARG A 48 -6.39 -7.73 -11.00
C ARG A 48 -6.48 -8.89 -10.01
N ASP A 49 -5.32 -9.40 -9.58
CA ASP A 49 -5.22 -10.56 -8.67
C ASP A 49 -4.42 -10.20 -7.42
N GLU A 50 -4.64 -10.95 -6.31
CA GLU A 50 -3.92 -10.75 -5.03
C GLU A 50 -2.41 -11.08 -5.19
N GLU A 51 -2.11 -11.88 -6.22
CA GLU A 51 -0.73 -12.20 -6.64
C GLU A 51 -0.03 -10.93 -7.18
N ASP A 52 -0.80 -10.10 -7.91
CA ASP A 52 -0.31 -8.81 -8.45
C ASP A 52 -0.29 -7.74 -7.34
N LEU A 53 -1.11 -7.95 -6.30
CA LEU A 53 -1.14 -7.11 -5.10
C LEU A 53 0.18 -7.22 -4.31
N LYS A 54 0.73 -8.44 -4.28
CA LYS A 54 2.05 -8.70 -3.65
C LYS A 54 3.17 -7.96 -4.40
N LYS A 55 2.99 -7.83 -5.73
CA LYS A 55 3.91 -7.09 -6.61
C LYS A 55 3.87 -5.57 -6.27
N ILE A 56 2.66 -4.97 -6.38
CA ILE A 56 2.45 -3.51 -6.16
C ILE A 56 2.76 -3.11 -4.69
N LEU A 57 2.63 -4.08 -3.77
CA LEU A 57 2.92 -3.90 -2.33
C LEU A 57 4.35 -3.36 -2.14
N GLU A 58 5.31 -3.97 -2.83
CA GLU A 58 6.74 -3.64 -2.71
C GLU A 58 7.12 -2.41 -3.56
N TRP A 59 6.37 -2.16 -4.66
CA TRP A 59 6.55 -0.95 -5.48
C TRP A 59 6.19 0.31 -4.67
N LEU A 60 4.97 0.30 -4.10
CA LEU A 60 4.43 1.40 -3.28
C LEU A 60 5.24 1.59 -1.99
N ARG A 61 5.71 0.45 -1.43
CA ARG A 61 6.53 0.41 -0.20
C ARG A 61 7.77 1.32 -0.30
N ARG A 62 8.31 1.41 -1.53
CA ARG A 62 9.51 2.20 -1.81
C ARG A 62 9.18 3.58 -2.42
N HIS A 63 8.06 3.68 -3.17
CA HIS A 63 7.63 4.94 -3.82
C HIS A 63 6.17 4.82 -4.31
N GLY A 64 5.41 5.92 -4.28
CA GLY A 64 4.05 5.94 -4.83
C GLY A 64 4.08 6.17 -6.36
N MET A 1 3.52 -27.93 -3.00
CA MET A 1 4.51 -29.02 -3.23
C MET A 1 5.94 -28.49 -3.00
N GLY A 2 6.27 -27.38 -3.70
CA GLY A 2 7.57 -26.71 -3.56
C GLY A 2 7.48 -25.21 -3.83
N SER A 3 6.69 -24.84 -4.85
CA SER A 3 6.47 -23.43 -5.24
C SER A 3 5.35 -22.76 -4.40
N SER A 4 4.69 -23.55 -3.52
CA SER A 4 3.61 -23.07 -2.65
C SER A 4 4.11 -21.99 -1.64
N HIS A 5 3.14 -21.33 -0.97
CA HIS A 5 3.38 -20.32 0.09
C HIS A 5 3.90 -18.98 -0.50
N HIS A 6 3.58 -18.69 -1.78
CA HIS A 6 3.94 -17.41 -2.45
C HIS A 6 3.28 -16.22 -1.75
N HIS A 7 1.94 -16.08 -1.90
CA HIS A 7 1.18 -14.95 -1.37
C HIS A 7 0.67 -15.28 0.03
N HIS A 8 1.33 -14.70 1.06
CA HIS A 8 0.96 -14.91 2.48
C HIS A 8 0.97 -13.55 3.23
N HIS A 9 -0.23 -12.96 3.34
CA HIS A 9 -0.46 -11.71 4.08
C HIS A 9 -1.98 -11.53 4.29
N HIS A 10 -2.39 -11.23 5.54
CA HIS A 10 -3.81 -11.01 5.89
C HIS A 10 -4.15 -9.52 5.79
N SER A 11 -5.37 -9.21 5.36
CA SER A 11 -5.91 -7.84 5.38
C SER A 11 -6.61 -7.61 6.73
N SER A 12 -6.11 -6.63 7.49
CA SER A 12 -6.72 -6.23 8.77
C SER A 12 -7.94 -5.33 8.49
N GLY A 13 -9.14 -5.93 8.59
CA GLY A 13 -10.41 -5.24 8.30
C GLY A 13 -10.73 -4.09 9.25
N LEU A 14 -9.98 -3.99 10.37
CA LEU A 14 -10.07 -2.88 11.32
C LEU A 14 -9.79 -1.51 10.65
N VAL A 15 -10.35 -0.44 11.20
CA VAL A 15 -10.21 0.93 10.65
C VAL A 15 -9.14 1.74 11.44
N PRO A 16 -7.90 1.90 10.90
CA PRO A 16 -6.88 2.83 11.45
C PRO A 16 -7.20 4.26 11.00
N ARG A 17 -8.13 4.89 11.76
CA ARG A 17 -8.70 6.22 11.46
C ARG A 17 -7.58 7.28 11.29
N GLY A 18 -7.46 7.81 10.07
CA GLY A 18 -6.37 8.71 9.68
C GLY A 18 -5.24 7.98 8.95
N SER A 19 -5.60 6.89 8.22
CA SER A 19 -4.66 6.10 7.40
C SER A 19 -3.96 7.00 6.35
N HIS A 20 -2.63 7.12 6.48
CA HIS A 20 -1.81 8.11 5.74
C HIS A 20 -1.28 7.58 4.38
N MET A 21 -2.02 6.62 3.78
CA MET A 21 -1.57 5.83 2.61
C MET A 21 -0.30 5.05 2.97
N ASP A 22 -0.52 3.94 3.67
CA ASP A 22 0.54 3.06 4.17
C ASP A 22 0.32 1.64 3.63
N ILE A 23 1.42 0.86 3.55
CA ILE A 23 1.46 -0.50 2.97
C ILE A 23 0.32 -1.40 3.49
N GLU A 24 0.12 -1.37 4.83
CA GLU A 24 -0.92 -2.16 5.53
C GLU A 24 -2.31 -1.98 4.87
N GLU A 25 -2.72 -0.70 4.75
CA GLU A 25 -4.05 -0.33 4.23
C GLU A 25 -4.13 -0.37 2.71
N ILE A 26 -3.00 -0.24 1.99
CA ILE A 26 -2.96 -0.38 0.51
C ILE A 26 -3.33 -1.83 0.11
N GLU A 27 -2.74 -2.78 0.85
CA GLU A 27 -3.03 -4.22 0.73
C GLU A 27 -4.50 -4.51 1.07
N LYS A 28 -4.98 -3.83 2.11
CA LYS A 28 -6.32 -4.00 2.68
C LYS A 28 -7.42 -3.52 1.71
N LYS A 29 -7.19 -2.36 1.06
CA LYS A 29 -8.16 -1.76 0.11
C LYS A 29 -8.29 -2.62 -1.15
N ALA A 30 -7.14 -3.09 -1.68
CA ALA A 30 -7.11 -3.97 -2.86
C ALA A 30 -7.77 -5.33 -2.55
N ARG A 31 -7.54 -5.82 -1.30
CA ARG A 31 -8.11 -7.10 -0.82
C ARG A 31 -9.65 -7.00 -0.73
N LYS A 32 -10.17 -5.77 -0.48
CA LYS A 32 -11.62 -5.47 -0.49
C LYS A 32 -12.21 -5.67 -1.91
N ILE A 33 -11.44 -5.22 -2.92
CA ILE A 33 -11.77 -5.42 -4.36
C ILE A 33 -11.63 -6.93 -4.74
N LEU A 34 -10.70 -7.64 -4.08
CA LEU A 34 -10.51 -9.09 -4.29
C LEU A 34 -11.57 -9.91 -3.49
N GLU A 35 -12.23 -9.28 -2.49
CA GLU A 35 -13.43 -9.87 -1.85
C GLU A 35 -14.62 -9.81 -2.81
N LYS A 36 -14.61 -8.75 -3.66
CA LYS A 36 -15.56 -8.61 -4.78
C LYS A 36 -15.18 -9.57 -5.93
N GLY A 37 -13.88 -9.84 -6.07
CA GLY A 37 -13.35 -10.66 -7.16
C GLY A 37 -13.33 -9.88 -8.47
N ASP A 38 -12.72 -8.68 -8.41
CA ASP A 38 -12.69 -7.71 -9.52
C ASP A 38 -11.25 -7.18 -9.69
N SER A 39 -10.99 -6.44 -10.79
CA SER A 39 -9.68 -5.82 -11.07
C SER A 39 -9.71 -4.32 -10.69
N ILE A 40 -8.67 -3.86 -9.97
CA ILE A 40 -8.50 -2.43 -9.59
C ILE A 40 -7.27 -1.85 -10.30
N GLU A 41 -7.48 -0.80 -11.13
CA GLU A 41 -6.42 -0.12 -11.89
C GLU A 41 -5.80 0.98 -11.00
N ILE A 42 -4.48 0.88 -10.72
CA ILE A 42 -3.72 1.84 -9.89
C ILE A 42 -2.44 2.28 -10.65
N ALA A 43 -2.36 3.60 -10.98
CA ALA A 43 -1.13 4.26 -11.50
C ALA A 43 -0.69 3.74 -12.89
N GLY A 44 -1.66 3.20 -13.65
CA GLY A 44 -1.41 2.64 -14.99
C GLY A 44 -1.25 1.12 -14.98
N PHE A 45 -1.08 0.56 -13.77
CA PHE A 45 -0.97 -0.88 -13.53
C PHE A 45 -2.36 -1.47 -13.23
N GLU A 46 -2.52 -2.80 -13.41
CA GLU A 46 -3.80 -3.51 -13.18
C GLU A 46 -3.62 -4.64 -12.15
N VAL A 47 -4.31 -4.51 -11.00
CA VAL A 47 -4.36 -5.56 -9.97
C VAL A 47 -5.58 -6.46 -10.25
N ARG A 48 -5.34 -7.57 -10.99
CA ARG A 48 -6.39 -8.55 -11.33
C ARG A 48 -6.50 -9.57 -10.18
N ASP A 49 -5.35 -10.18 -9.87
CA ASP A 49 -5.20 -11.17 -8.79
C ASP A 49 -4.70 -10.49 -7.51
N GLU A 50 -4.84 -11.21 -6.39
CA GLU A 50 -4.35 -10.73 -5.08
C GLU A 50 -2.80 -10.74 -5.02
N GLU A 51 -2.16 -11.55 -5.90
CA GLU A 51 -0.70 -11.50 -6.13
C GLU A 51 -0.30 -10.19 -6.83
N ASP A 52 -1.17 -9.71 -7.76
CA ASP A 52 -0.88 -8.52 -8.60
C ASP A 52 -0.76 -7.25 -7.75
N LEU A 53 -1.43 -7.24 -6.59
CA LEU A 53 -1.29 -6.17 -5.57
C LEU A 53 0.19 -5.99 -5.20
N LYS A 54 0.91 -7.11 -4.98
CA LYS A 54 2.33 -7.08 -4.59
C LYS A 54 3.21 -6.34 -5.63
N LYS A 55 2.88 -6.45 -6.92
CA LYS A 55 3.71 -5.87 -8.00
C LYS A 55 3.75 -4.31 -7.90
N ILE A 56 2.58 -3.69 -7.59
CA ILE A 56 2.50 -2.23 -7.34
C ILE A 56 2.97 -1.89 -5.90
N LEU A 57 2.74 -2.83 -4.95
CA LEU A 57 2.97 -2.62 -3.51
C LEU A 57 4.47 -2.60 -3.17
N GLU A 58 5.24 -3.52 -3.81
CA GLU A 58 6.69 -3.65 -3.58
C GLU A 58 7.43 -2.39 -4.08
N TRP A 59 6.88 -1.75 -5.13
CA TRP A 59 7.40 -0.46 -5.68
C TRP A 59 7.26 0.64 -4.61
N LEU A 60 6.06 0.70 -3.99
CA LEU A 60 5.73 1.64 -2.89
C LEU A 60 6.46 1.25 -1.59
N ARG A 61 6.92 -0.03 -1.49
CA ARG A 61 7.72 -0.53 -0.36
C ARG A 61 9.17 -0.01 -0.45
N ARG A 62 9.65 0.19 -1.71
CA ARG A 62 11.00 0.73 -1.96
C ARG A 62 11.06 2.23 -1.61
N HIS A 63 9.87 2.87 -1.61
CA HIS A 63 9.70 4.29 -1.25
C HIS A 63 9.97 4.49 0.25
N GLY A 64 10.81 5.48 0.58
CA GLY A 64 11.13 5.83 1.96
C GLY A 64 11.91 7.16 2.05
N MET A 1 6.33 -17.37 0.42
CA MET A 1 6.82 -17.34 -0.98
C MET A 1 7.83 -16.23 -1.18
N GLY A 2 8.97 -16.55 -1.83
CA GLY A 2 10.01 -15.58 -2.14
C GLY A 2 11.02 -15.40 -1.00
N SER A 3 12.27 -15.04 -1.37
CA SER A 3 13.32 -14.68 -0.39
C SER A 3 13.01 -13.32 0.26
N SER A 4 12.21 -12.50 -0.45
CA SER A 4 11.73 -11.19 0.04
C SER A 4 10.83 -11.33 1.30
N HIS A 5 10.25 -12.53 1.50
CA HIS A 5 9.41 -12.85 2.66
C HIS A 5 10.26 -12.90 3.94
N HIS A 6 10.36 -11.74 4.60
CA HIS A 6 10.95 -11.56 5.93
C HIS A 6 10.51 -10.17 6.43
N HIS A 7 9.71 -10.13 7.49
CA HIS A 7 9.12 -8.88 8.01
C HIS A 7 9.71 -8.51 9.38
N HIS A 8 10.50 -9.44 9.96
CA HIS A 8 11.22 -9.22 11.22
C HIS A 8 12.40 -10.21 11.32
N HIS A 9 13.37 -9.87 12.17
CA HIS A 9 14.43 -10.81 12.63
C HIS A 9 14.61 -10.62 14.15
N HIS A 10 15.48 -11.45 14.78
CA HIS A 10 15.67 -11.50 16.25
C HIS A 10 14.43 -12.15 16.94
N SER A 11 14.69 -12.91 18.05
CA SER A 11 13.67 -13.72 18.77
C SER A 11 12.39 -12.90 19.11
N SER A 12 12.56 -11.79 19.86
CA SER A 12 11.44 -10.88 20.18
C SER A 12 11.45 -9.70 19.20
N GLY A 13 11.23 -10.01 17.91
CA GLY A 13 11.24 -9.01 16.83
C GLY A 13 9.86 -8.42 16.59
N LEU A 14 9.49 -7.38 17.39
CA LEU A 14 8.21 -6.66 17.22
C LEU A 14 8.32 -5.68 16.03
N VAL A 15 7.26 -5.64 15.21
CA VAL A 15 7.11 -4.65 14.13
C VAL A 15 6.33 -3.42 14.68
N PRO A 16 6.63 -2.17 14.19
CA PRO A 16 6.02 -0.92 14.74
C PRO A 16 4.48 -0.96 14.79
N ARG A 17 3.93 -1.10 16.02
CA ARG A 17 2.48 -1.03 16.28
C ARG A 17 2.02 0.44 16.29
N GLY A 18 2.98 1.36 16.50
CA GLY A 18 2.79 2.79 16.23
C GLY A 18 2.86 3.05 14.73
N SER A 19 1.87 2.51 14.01
CA SER A 19 1.86 2.42 12.55
C SER A 19 1.44 3.76 11.92
N HIS A 20 2.34 4.34 11.11
CA HIS A 20 2.05 5.55 10.31
C HIS A 20 1.34 5.12 9.00
N MET A 21 1.00 6.11 8.13
CA MET A 21 0.32 5.81 6.84
C MET A 21 1.28 5.04 5.92
N ASP A 22 1.19 3.70 6.00
CA ASP A 22 2.07 2.77 5.27
C ASP A 22 1.30 2.14 4.09
N ILE A 23 2.04 1.48 3.20
CA ILE A 23 1.49 0.86 1.97
C ILE A 23 0.74 -0.44 2.31
N GLU A 24 1.06 -1.00 3.49
CA GLU A 24 0.38 -2.17 4.09
C GLU A 24 -1.13 -1.88 4.31
N GLU A 25 -1.44 -0.59 4.57
CA GLU A 25 -2.82 -0.08 4.79
C GLU A 25 -3.66 -0.23 3.49
N ILE A 26 -3.02 0.04 2.33
CA ILE A 26 -3.67 -0.02 0.99
C ILE A 26 -4.11 -1.46 0.68
N GLU A 27 -3.28 -2.44 1.07
CA GLU A 27 -3.54 -3.88 0.83
C GLU A 27 -4.77 -4.37 1.65
N LYS A 28 -4.97 -3.76 2.84
CA LYS A 28 -6.02 -4.13 3.80
C LYS A 28 -7.43 -3.90 3.20
N LYS A 29 -7.61 -2.75 2.52
CA LYS A 29 -8.90 -2.42 1.85
C LYS A 29 -9.04 -3.17 0.49
N ALA A 30 -7.92 -3.28 -0.23
CA ALA A 30 -7.90 -3.75 -1.63
C ALA A 30 -8.29 -5.23 -1.75
N ARG A 31 -8.05 -6.02 -0.69
CA ARG A 31 -8.47 -7.45 -0.65
C ARG A 31 -9.99 -7.61 -0.87
N LYS A 32 -10.79 -6.63 -0.40
CA LYS A 32 -12.27 -6.62 -0.55
C LYS A 32 -12.68 -6.33 -2.01
N ILE A 33 -11.86 -5.51 -2.69
CA ILE A 33 -12.05 -5.17 -4.12
C ILE A 33 -11.83 -6.43 -4.99
N LEU A 34 -10.70 -7.10 -4.75
CA LEU A 34 -10.34 -8.34 -5.45
C LEU A 34 -11.24 -9.53 -5.02
N GLU A 35 -11.87 -9.42 -3.83
CA GLU A 35 -12.86 -10.42 -3.32
C GLU A 35 -14.11 -10.47 -4.22
N LYS A 36 -14.55 -9.29 -4.68
CA LYS A 36 -15.67 -9.15 -5.64
C LYS A 36 -15.23 -9.62 -7.05
N GLY A 37 -13.91 -9.69 -7.26
CA GLY A 37 -13.32 -10.02 -8.56
C GLY A 37 -13.12 -8.78 -9.42
N ASP A 38 -13.05 -7.61 -8.76
CA ASP A 38 -12.82 -6.32 -9.42
C ASP A 38 -11.32 -6.02 -9.49
N SER A 39 -10.85 -5.72 -10.70
CA SER A 39 -9.48 -5.32 -10.95
C SER A 39 -9.28 -3.84 -10.56
N ILE A 40 -8.15 -3.52 -9.90
CA ILE A 40 -7.84 -2.14 -9.50
C ILE A 40 -6.47 -1.71 -10.08
N GLU A 41 -6.51 -0.80 -11.06
CA GLU A 41 -5.31 -0.22 -11.68
C GLU A 41 -4.69 0.81 -10.73
N ILE A 42 -3.48 0.52 -10.23
CA ILE A 42 -2.71 1.42 -9.35
C ILE A 42 -1.34 1.69 -9.99
N ALA A 43 -1.01 2.97 -10.23
CA ALA A 43 0.26 3.42 -10.84
C ALA A 43 0.49 2.84 -12.27
N GLY A 44 -0.61 2.48 -12.94
CA GLY A 44 -0.59 1.87 -14.28
C GLY A 44 -0.74 0.35 -14.24
N PHE A 45 -0.35 -0.26 -13.11
CA PHE A 45 -0.33 -1.73 -12.94
C PHE A 45 -1.76 -2.25 -12.69
N GLU A 46 -2.26 -3.08 -13.62
CA GLU A 46 -3.58 -3.72 -13.51
C GLU A 46 -3.53 -4.86 -12.48
N VAL A 47 -4.15 -4.64 -11.32
CA VAL A 47 -4.27 -5.66 -10.29
C VAL A 47 -5.51 -6.53 -10.57
N ARG A 48 -5.31 -7.56 -11.41
CA ARG A 48 -6.35 -8.56 -11.77
C ARG A 48 -6.61 -9.51 -10.59
N ASP A 49 -5.53 -9.80 -9.86
CA ASP A 49 -5.56 -10.68 -8.69
C ASP A 49 -4.71 -10.05 -7.57
N GLU A 50 -4.95 -10.50 -6.33
CA GLU A 50 -4.21 -10.04 -5.14
C GLU A 50 -2.69 -10.33 -5.25
N GLU A 51 -2.28 -11.25 -6.15
CA GLU A 51 -0.85 -11.47 -6.46
C GLU A 51 -0.22 -10.21 -7.06
N ASP A 52 -0.95 -9.57 -7.99
CA ASP A 52 -0.53 -8.28 -8.61
C ASP A 52 -0.55 -7.16 -7.56
N LEU A 53 -1.39 -7.33 -6.51
CA LEU A 53 -1.47 -6.41 -5.37
C LEU A 53 -0.19 -6.46 -4.53
N LYS A 54 0.43 -7.66 -4.39
CA LYS A 54 1.78 -7.80 -3.77
C LYS A 54 2.86 -7.12 -4.63
N LYS A 55 2.68 -7.14 -5.97
CA LYS A 55 3.68 -6.61 -6.91
C LYS A 55 3.67 -5.06 -6.90
N ILE A 56 2.47 -4.45 -6.91
CA ILE A 56 2.30 -2.98 -6.79
C ILE A 56 2.63 -2.53 -5.35
N LEU A 57 2.45 -3.45 -4.38
CA LEU A 57 2.80 -3.21 -2.95
C LEU A 57 4.30 -2.85 -2.86
N GLU A 58 5.14 -3.70 -3.48
CA GLU A 58 6.62 -3.55 -3.51
C GLU A 58 7.03 -2.23 -4.20
N TRP A 59 6.30 -1.88 -5.27
CA TRP A 59 6.51 -0.64 -6.06
C TRP A 59 6.30 0.62 -5.19
N LEU A 60 5.19 0.62 -4.42
CA LEU A 60 4.83 1.74 -3.53
C LEU A 60 5.65 1.70 -2.23
N ARG A 61 6.11 0.49 -1.84
CA ARG A 61 6.87 0.26 -0.58
C ARG A 61 8.29 0.81 -0.73
N ARG A 62 8.85 0.72 -1.95
CA ARG A 62 10.18 1.28 -2.27
C ARG A 62 10.08 2.80 -2.52
N HIS A 63 8.85 3.29 -2.78
CA HIS A 63 8.56 4.72 -2.85
C HIS A 63 8.55 5.30 -1.41
N GLY A 64 9.72 5.79 -0.98
CA GLY A 64 9.90 6.39 0.34
C GLY A 64 10.84 7.60 0.28
N MET A 1 -50.17 1.51 17.00
CA MET A 1 -49.05 2.45 17.25
C MET A 1 -47.71 1.75 16.97
N GLY A 2 -46.83 2.42 16.21
CA GLY A 2 -45.52 1.86 15.84
C GLY A 2 -44.50 2.95 15.52
N SER A 3 -44.54 4.04 16.30
CA SER A 3 -43.59 5.16 16.19
C SER A 3 -42.40 4.97 17.16
N SER A 4 -41.33 4.34 16.66
CA SER A 4 -40.03 4.30 17.34
C SER A 4 -39.20 5.55 16.97
N HIS A 5 -38.05 5.73 17.63
CA HIS A 5 -37.14 6.85 17.35
C HIS A 5 -35.69 6.33 17.19
N HIS A 6 -34.93 7.00 16.31
CA HIS A 6 -33.51 6.67 16.07
C HIS A 6 -32.64 7.50 17.01
N HIS A 7 -32.13 6.88 18.07
CA HIS A 7 -31.25 7.55 19.05
C HIS A 7 -29.84 7.71 18.47
N HIS A 8 -29.36 8.96 18.46
CA HIS A 8 -28.04 9.33 17.92
C HIS A 8 -26.92 8.75 18.82
N HIS A 9 -25.74 8.45 18.23
CA HIS A 9 -24.58 7.92 18.95
C HIS A 9 -23.33 8.76 18.68
N HIS A 10 -22.45 8.88 19.69
CA HIS A 10 -21.21 9.68 19.62
C HIS A 10 -20.00 8.76 19.37
N SER A 11 -18.95 9.33 18.75
CA SER A 11 -17.71 8.61 18.39
C SER A 11 -16.52 9.13 19.22
N SER A 12 -16.21 8.42 20.32
CA SER A 12 -15.08 8.74 21.21
C SER A 12 -13.79 8.08 20.68
N GLY A 13 -12.79 8.92 20.33
CA GLY A 13 -11.47 8.43 19.92
C GLY A 13 -10.70 9.43 19.07
N LEU A 14 -9.68 10.05 19.66
CA LEU A 14 -8.77 10.97 18.95
C LEU A 14 -7.69 10.11 18.25
N VAL A 15 -7.72 10.08 16.91
CA VAL A 15 -6.67 9.40 16.12
C VAL A 15 -5.55 10.40 15.72
N PRO A 16 -4.25 9.95 15.68
CA PRO A 16 -3.08 10.79 15.24
C PRO A 16 -3.23 11.45 13.84
N ARG A 17 -4.21 10.95 13.03
CA ARG A 17 -4.63 11.52 11.72
C ARG A 17 -3.60 11.22 10.60
N GLY A 18 -2.38 11.76 10.73
CA GLY A 18 -1.33 11.62 9.72
C GLY A 18 -0.86 10.18 9.47
N SER A 19 -1.07 9.29 10.46
CA SER A 19 -0.76 7.85 10.34
C SER A 19 -1.88 7.10 9.58
N HIS A 20 -2.04 7.46 8.29
CA HIS A 20 -3.02 6.87 7.36
C HIS A 20 -2.48 6.99 5.91
N MET A 21 -3.25 6.43 4.96
CA MET A 21 -2.91 6.37 3.52
C MET A 21 -1.53 5.69 3.30
N ASP A 22 -1.35 4.56 4.01
CA ASP A 22 -0.21 3.66 3.81
C ASP A 22 -0.53 2.65 2.70
N ILE A 23 0.38 1.69 2.50
CA ILE A 23 0.18 0.58 1.58
C ILE A 23 -0.88 -0.39 2.16
N GLU A 24 -0.87 -0.54 3.51
CA GLU A 24 -1.90 -1.33 4.24
C GLU A 24 -3.30 -0.70 4.08
N GLU A 25 -3.35 0.65 4.05
CA GLU A 25 -4.59 1.42 3.88
C GLU A 25 -5.29 1.03 2.57
N ILE A 26 -4.50 1.03 1.48
CA ILE A 26 -4.98 0.62 0.15
C ILE A 26 -5.39 -0.87 0.19
N GLU A 27 -4.46 -1.72 0.68
CA GLU A 27 -4.60 -3.19 0.81
C GLU A 27 -5.90 -3.60 1.55
N LYS A 28 -6.34 -2.78 2.52
CA LYS A 28 -7.56 -3.05 3.33
C LYS A 28 -8.79 -3.28 2.42
N LYS A 29 -9.04 -2.29 1.54
CA LYS A 29 -10.12 -2.34 0.55
C LYS A 29 -9.73 -3.20 -0.67
N ALA A 30 -8.45 -3.08 -1.10
CA ALA A 30 -7.91 -3.68 -2.33
C ALA A 30 -7.99 -5.21 -2.33
N ARG A 31 -7.79 -5.81 -1.14
CA ARG A 31 -8.03 -7.24 -0.88
C ARG A 31 -9.45 -7.60 -1.29
N LYS A 32 -10.42 -6.89 -0.69
CA LYS A 32 -11.86 -7.19 -0.81
C LYS A 32 -12.35 -6.95 -2.24
N ILE A 33 -11.66 -6.07 -2.98
CA ILE A 33 -11.94 -5.83 -4.40
C ILE A 33 -11.55 -7.09 -5.22
N LEU A 34 -10.32 -7.59 -5.01
CA LEU A 34 -9.82 -8.83 -5.66
C LEU A 34 -10.58 -10.07 -5.14
N GLU A 35 -11.09 -9.97 -3.90
CA GLU A 35 -11.83 -11.05 -3.21
C GLU A 35 -13.27 -11.15 -3.75
N LYS A 36 -13.79 -10.01 -4.26
CA LYS A 36 -15.07 -9.96 -4.99
C LYS A 36 -14.88 -10.29 -6.49
N GLY A 37 -13.62 -10.45 -6.92
CA GLY A 37 -13.29 -10.77 -8.30
C GLY A 37 -13.33 -9.55 -9.20
N ASP A 38 -12.84 -8.43 -8.66
CA ASP A 38 -12.78 -7.12 -9.32
C ASP A 38 -11.34 -6.58 -9.20
N SER A 39 -11.00 -5.53 -9.95
CA SER A 39 -9.62 -4.98 -10.02
C SER A 39 -9.56 -3.53 -9.51
N ILE A 40 -8.37 -3.15 -8.98
CA ILE A 40 -8.12 -1.78 -8.47
C ILE A 40 -6.73 -1.31 -8.94
N GLU A 41 -6.66 -0.04 -9.41
CA GLU A 41 -5.40 0.57 -9.83
C GLU A 41 -4.68 1.17 -8.61
N ILE A 42 -3.48 0.65 -8.33
CA ILE A 42 -2.64 1.07 -7.19
C ILE A 42 -1.32 1.65 -7.75
N ALA A 43 -1.01 2.92 -7.39
CA ALA A 43 0.24 3.62 -7.76
C ALA A 43 0.41 3.75 -9.31
N GLY A 44 -0.74 3.73 -10.03
CA GLY A 44 -0.77 3.86 -11.49
C GLY A 44 -0.71 2.51 -12.22
N PHE A 45 -0.69 1.41 -11.46
CA PHE A 45 -0.62 0.03 -12.00
C PHE A 45 -1.83 -0.78 -11.50
N GLU A 46 -2.68 -1.24 -12.43
CA GLU A 46 -3.88 -2.04 -12.12
C GLU A 46 -3.48 -3.43 -11.59
N VAL A 47 -4.19 -3.91 -10.56
CA VAL A 47 -4.01 -5.26 -10.01
C VAL A 47 -5.30 -6.06 -10.24
N ARG A 48 -5.18 -7.18 -10.96
CA ARG A 48 -6.32 -8.05 -11.31
C ARG A 48 -6.32 -9.33 -10.45
N ASP A 49 -5.14 -9.67 -9.93
CA ASP A 49 -4.93 -10.87 -9.10
C ASP A 49 -4.04 -10.51 -7.91
N GLU A 50 -4.04 -11.38 -6.89
CA GLU A 50 -3.22 -11.23 -5.68
C GLU A 50 -1.70 -11.17 -6.00
N GLU A 51 -1.30 -11.71 -7.16
CA GLU A 51 0.09 -11.68 -7.65
C GLU A 51 0.49 -10.24 -8.02
N ASP A 52 -0.40 -9.56 -8.76
CA ASP A 52 -0.22 -8.14 -9.15
C ASP A 52 -0.20 -7.25 -7.91
N LEU A 53 -1.03 -7.63 -6.92
CA LEU A 53 -1.14 -6.95 -5.63
C LEU A 53 0.20 -7.01 -4.87
N LYS A 54 0.80 -8.22 -4.80
CA LYS A 54 2.13 -8.44 -4.17
C LYS A 54 3.18 -7.58 -4.88
N LYS A 55 3.14 -7.61 -6.23
CA LYS A 55 4.05 -6.89 -7.13
C LYS A 55 4.07 -5.38 -6.80
N ILE A 56 2.87 -4.77 -6.70
CA ILE A 56 2.74 -3.31 -6.51
C ILE A 56 3.01 -2.91 -5.05
N LEU A 57 2.73 -3.81 -4.10
CA LEU A 57 2.94 -3.57 -2.65
C LEU A 57 4.44 -3.39 -2.35
N GLU A 58 5.26 -4.34 -2.84
CA GLU A 58 6.72 -4.33 -2.66
C GLU A 58 7.37 -3.21 -3.52
N TRP A 59 6.81 -2.99 -4.74
CA TRP A 59 7.31 -1.96 -5.68
C TRP A 59 7.15 -0.56 -5.09
N LEU A 60 5.92 -0.26 -4.65
CA LEU A 60 5.51 1.06 -4.07
C LEU A 60 6.41 1.38 -2.86
N ARG A 61 6.67 0.35 -2.04
CA ARG A 61 7.45 0.48 -0.79
C ARG A 61 8.92 0.84 -1.07
N ARG A 62 9.48 0.27 -2.15
CA ARG A 62 10.90 0.46 -2.50
C ARG A 62 11.12 1.59 -3.53
N HIS A 63 10.02 2.04 -4.19
CA HIS A 63 10.10 3.10 -5.22
C HIS A 63 10.03 4.48 -4.54
N GLY A 64 11.17 4.91 -3.98
CA GLY A 64 11.30 6.18 -3.27
C GLY A 64 12.65 6.83 -3.55
N MET A 1 -4.46 34.36 17.56
CA MET A 1 -3.52 35.49 17.34
C MET A 1 -3.17 36.13 18.69
N GLY A 2 -1.87 36.40 18.91
CA GLY A 2 -1.38 37.02 20.13
C GLY A 2 0.06 36.63 20.43
N SER A 3 1.01 37.49 20.03
CA SER A 3 2.46 37.27 20.24
C SER A 3 2.80 37.44 21.74
N SER A 4 2.70 36.33 22.49
CA SER A 4 2.93 36.28 23.93
C SER A 4 4.36 35.82 24.25
N HIS A 5 4.91 36.27 25.39
CA HIS A 5 6.25 35.84 25.87
C HIS A 5 6.17 34.49 26.62
N HIS A 6 5.70 33.45 25.91
CA HIS A 6 5.52 32.09 26.43
C HIS A 6 6.31 31.13 25.54
N HIS A 7 7.41 30.58 26.09
CA HIS A 7 8.35 29.71 25.36
C HIS A 7 8.40 28.34 26.08
N HIS A 8 8.03 27.29 25.36
CA HIS A 8 7.96 25.90 25.90
C HIS A 8 8.53 24.90 24.88
N HIS A 9 8.98 23.74 25.40
CA HIS A 9 9.56 22.65 24.61
C HIS A 9 8.90 21.32 24.97
N HIS A 10 8.58 20.53 23.94
CA HIS A 10 8.00 19.18 24.06
C HIS A 10 9.14 18.15 24.18
N SER A 11 8.96 17.13 25.03
CA SER A 11 9.98 16.09 25.29
C SER A 11 10.22 15.20 24.04
N SER A 12 11.35 14.47 24.04
CA SER A 12 11.76 13.60 22.92
C SER A 12 10.73 12.47 22.68
N GLY A 13 9.93 12.64 21.62
CA GLY A 13 8.88 11.69 21.24
C GLY A 13 8.92 11.40 19.76
N LEU A 14 9.30 10.16 19.39
CA LEU A 14 9.33 9.71 18.00
C LEU A 14 7.88 9.41 17.56
N VAL A 15 7.22 10.43 16.99
CA VAL A 15 5.83 10.33 16.53
C VAL A 15 5.60 11.22 15.27
N PRO A 16 6.17 10.81 14.09
CA PRO A 16 5.94 11.50 12.80
C PRO A 16 4.67 11.00 12.09
N ARG A 17 4.06 11.88 11.28
CA ARG A 17 2.90 11.53 10.43
C ARG A 17 3.37 10.68 9.23
N GLY A 18 4.59 10.99 8.72
CA GLY A 18 5.19 10.29 7.57
C GLY A 18 4.38 10.48 6.29
N SER A 19 3.44 9.55 6.05
CA SER A 19 2.57 9.54 4.87
C SER A 19 1.38 8.58 5.08
N HIS A 20 0.23 8.93 4.47
CA HIS A 20 -0.94 8.03 4.39
C HIS A 20 -0.87 7.21 3.08
N MET A 21 -1.92 6.41 2.81
CA MET A 21 -1.99 5.51 1.62
C MET A 21 -0.86 4.46 1.75
N ASP A 22 -0.75 3.90 2.97
CA ASP A 22 0.31 2.93 3.33
C ASP A 22 0.06 1.56 2.68
N ILE A 23 1.13 0.78 2.51
CA ILE A 23 1.13 -0.56 1.90
C ILE A 23 0.06 -1.51 2.51
N GLU A 24 0.00 -1.55 3.86
CA GLU A 24 -0.93 -2.43 4.61
C GLU A 24 -2.39 -1.98 4.39
N GLU A 25 -2.59 -0.66 4.38
CA GLU A 25 -3.91 -0.04 4.14
C GLU A 25 -4.40 -0.37 2.73
N ILE A 26 -3.51 -0.17 1.73
CA ILE A 26 -3.79 -0.40 0.31
C ILE A 26 -4.15 -1.88 0.05
N GLU A 27 -3.41 -2.79 0.69
CA GLU A 27 -3.65 -4.24 0.60
C GLU A 27 -5.07 -4.59 1.06
N LYS A 28 -5.49 -3.94 2.15
CA LYS A 28 -6.81 -4.12 2.76
C LYS A 28 -7.94 -3.59 1.83
N LYS A 29 -7.68 -2.40 1.23
CA LYS A 29 -8.62 -1.76 0.27
C LYS A 29 -8.83 -2.67 -0.95
N ALA A 30 -7.68 -3.01 -1.55
CA ALA A 30 -7.57 -3.79 -2.78
C ALA A 30 -8.14 -5.20 -2.61
N ARG A 31 -7.96 -5.77 -1.40
CA ARG A 31 -8.42 -7.15 -1.08
C ARG A 31 -9.94 -7.25 -1.24
N LYS A 32 -10.67 -6.25 -0.70
CA LYS A 32 -12.15 -6.19 -0.77
C LYS A 32 -12.65 -5.99 -2.20
N ILE A 33 -11.85 -5.27 -3.00
CA ILE A 33 -12.15 -5.01 -4.42
C ILE A 33 -11.98 -6.32 -5.24
N LEU A 34 -10.89 -7.06 -4.94
CA LEU A 34 -10.61 -8.37 -5.56
C LEU A 34 -11.61 -9.44 -5.04
N GLU A 35 -12.14 -9.23 -3.82
CA GLU A 35 -13.15 -10.09 -3.19
C GLU A 35 -14.47 -10.01 -3.98
N LYS A 36 -14.79 -8.77 -4.41
CA LYS A 36 -15.94 -8.49 -5.30
C LYS A 36 -15.69 -9.08 -6.70
N GLY A 37 -14.42 -9.17 -7.08
CA GLY A 37 -14.01 -9.71 -8.39
C GLY A 37 -13.67 -8.61 -9.38
N ASP A 38 -13.26 -7.46 -8.85
CA ASP A 38 -12.86 -6.28 -9.64
C ASP A 38 -11.38 -6.01 -9.43
N SER A 39 -10.74 -5.43 -10.45
CA SER A 39 -9.33 -5.03 -10.42
C SER A 39 -9.21 -3.59 -9.87
N ILE A 40 -7.99 -3.21 -9.45
CA ILE A 40 -7.70 -1.84 -8.95
C ILE A 40 -6.29 -1.41 -9.41
N GLU A 41 -6.23 -0.20 -9.99
CA GLU A 41 -4.98 0.44 -10.40
C GLU A 41 -4.33 1.12 -9.18
N ILE A 42 -3.36 0.43 -8.58
CA ILE A 42 -2.57 0.93 -7.45
C ILE A 42 -1.27 1.57 -7.97
N ALA A 43 -1.17 2.91 -7.84
CA ALA A 43 0.04 3.70 -8.19
C ALA A 43 0.43 3.57 -9.69
N GLY A 44 -0.57 3.27 -10.55
CA GLY A 44 -0.36 3.09 -11.99
C GLY A 44 -0.37 1.61 -12.41
N PHE A 45 -0.12 0.70 -11.46
CA PHE A 45 -0.10 -0.76 -11.69
C PHE A 45 -1.51 -1.33 -11.48
N GLU A 46 -2.08 -1.87 -12.56
CA GLU A 46 -3.44 -2.45 -12.56
C GLU A 46 -3.37 -3.92 -12.09
N VAL A 47 -3.65 -4.17 -10.80
CA VAL A 47 -3.60 -5.53 -10.24
C VAL A 47 -4.80 -6.37 -10.73
N ARG A 48 -4.54 -7.62 -11.11
CA ARG A 48 -5.61 -8.58 -11.46
C ARG A 48 -6.04 -9.37 -10.22
N ASP A 49 -5.04 -10.03 -9.59
CA ASP A 49 -5.26 -10.94 -8.46
C ASP A 49 -4.47 -10.49 -7.22
N GLU A 50 -4.63 -11.27 -6.14
CA GLU A 50 -3.90 -11.08 -4.87
C GLU A 50 -2.39 -11.31 -5.01
N GLU A 51 -2.01 -12.09 -6.04
CA GLU A 51 -0.60 -12.29 -6.39
C GLU A 51 -0.01 -11.01 -6.98
N ASP A 52 -0.85 -10.26 -7.73
CA ASP A 52 -0.44 -8.97 -8.36
C ASP A 52 -0.21 -7.89 -7.30
N LEU A 53 -0.90 -8.01 -6.14
CA LEU A 53 -0.64 -7.18 -4.96
C LEU A 53 0.81 -7.37 -4.49
N LYS A 54 1.26 -8.63 -4.45
CA LYS A 54 2.63 -9.00 -3.98
C LYS A 54 3.74 -8.30 -4.82
N LYS A 55 3.40 -7.92 -6.07
CA LYS A 55 4.29 -7.11 -6.91
C LYS A 55 4.25 -5.65 -6.43
N ILE A 56 3.06 -5.00 -6.57
CA ILE A 56 2.93 -3.53 -6.44
C ILE A 56 3.23 -3.04 -5.01
N LEU A 57 2.86 -3.81 -3.99
CA LEU A 57 3.04 -3.43 -2.56
C LEU A 57 4.54 -3.30 -2.21
N GLU A 58 5.37 -4.08 -2.93
CA GLU A 58 6.83 -4.03 -2.80
C GLU A 58 7.37 -2.79 -3.56
N TRP A 59 6.86 -2.60 -4.80
CA TRP A 59 7.13 -1.39 -5.63
C TRP A 59 6.65 -0.10 -4.93
N LEU A 60 5.64 -0.23 -4.04
CA LEU A 60 4.95 0.90 -3.37
C LEU A 60 5.92 1.59 -2.37
N ARG A 61 6.73 0.76 -1.67
CA ARG A 61 7.76 1.27 -0.74
C ARG A 61 8.90 1.97 -1.51
N ARG A 62 9.16 1.49 -2.74
CA ARG A 62 10.16 2.08 -3.66
C ARG A 62 9.60 3.38 -4.27
N HIS A 63 8.26 3.46 -4.36
CA HIS A 63 7.54 4.63 -4.89
C HIS A 63 7.58 5.77 -3.86
N GLY A 64 8.62 6.62 -3.98
CA GLY A 64 8.83 7.76 -3.07
C GLY A 64 10.31 8.17 -2.99
N MET A 1 9.67 20.83 20.56
CA MET A 1 9.58 21.41 19.21
C MET A 1 10.97 21.92 18.77
N GLY A 2 11.43 21.49 17.58
CA GLY A 2 12.72 21.89 17.04
C GLY A 2 13.82 20.91 17.38
N SER A 3 14.07 20.73 18.70
CA SER A 3 15.02 19.74 19.22
C SER A 3 14.35 18.34 19.30
N SER A 4 15.14 17.29 18.99
CA SER A 4 14.67 15.88 18.85
C SER A 4 13.65 15.72 17.69
N HIS A 5 13.83 16.51 16.63
CA HIS A 5 12.93 16.49 15.44
C HIS A 5 13.46 15.51 14.35
N HIS A 6 14.75 15.12 14.46
CA HIS A 6 15.40 14.20 13.48
C HIS A 6 14.86 12.76 13.65
N HIS A 7 13.73 12.47 12.97
CA HIS A 7 13.13 11.13 12.96
C HIS A 7 13.81 10.29 11.86
N HIS A 8 14.58 9.26 12.29
CA HIS A 8 15.43 8.45 11.40
C HIS A 8 14.68 7.23 10.83
N HIS A 9 13.36 7.14 11.09
CA HIS A 9 12.51 6.05 10.58
C HIS A 9 11.41 6.62 9.67
N HIS A 10 11.09 5.88 8.59
CA HIS A 10 10.02 6.21 7.65
C HIS A 10 8.67 5.78 8.26
N SER A 11 7.90 6.76 8.76
CA SER A 11 6.61 6.53 9.44
C SER A 11 5.57 5.94 8.46
N SER A 12 5.18 4.68 8.72
CA SER A 12 4.21 3.92 7.90
C SER A 12 3.23 3.16 8.82
N GLY A 13 2.12 2.68 8.24
CA GLY A 13 1.11 1.94 9.00
C GLY A 13 -0.10 1.55 8.17
N LEU A 14 -0.94 0.68 8.77
CA LEU A 14 -2.19 0.18 8.17
C LEU A 14 -3.16 1.36 7.91
N VAL A 15 -3.16 2.33 8.86
CA VAL A 15 -4.03 3.53 8.85
C VAL A 15 -5.54 3.12 8.74
N PRO A 16 -6.15 2.64 9.88
CA PRO A 16 -7.59 2.26 9.91
C PRO A 16 -8.54 3.47 9.97
N ARG A 17 -8.01 4.63 10.46
CA ARG A 17 -8.73 5.91 10.53
C ARG A 17 -7.90 6.98 9.82
N GLY A 18 -8.56 7.80 8.99
CA GLY A 18 -7.89 8.69 8.04
C GLY A 18 -7.42 7.95 6.79
N SER A 19 -6.77 8.66 5.87
CA SER A 19 -6.21 8.06 4.66
C SER A 19 -5.02 8.89 4.13
N HIS A 20 -3.86 8.24 4.05
CA HIS A 20 -2.64 8.77 3.42
C HIS A 20 -2.45 8.11 2.03
N MET A 21 -3.22 7.01 1.80
CA MET A 21 -3.06 6.10 0.63
C MET A 21 -1.65 5.51 0.64
N ASP A 22 -1.25 5.04 1.85
CA ASP A 22 0.04 4.39 2.10
C ASP A 22 0.02 2.96 1.54
N ILE A 23 1.20 2.34 1.50
CA ILE A 23 1.41 0.99 0.95
C ILE A 23 0.56 -0.04 1.72
N GLU A 24 0.55 0.07 3.04
CA GLU A 24 -0.17 -0.84 3.92
C GLU A 24 -1.70 -0.60 3.89
N GLU A 25 -2.11 0.60 3.43
CA GLU A 25 -3.53 0.88 3.12
C GLU A 25 -3.94 0.21 1.81
N ILE A 26 -2.99 0.11 0.87
CA ILE A 26 -3.24 -0.44 -0.48
C ILE A 26 -3.57 -1.94 -0.41
N GLU A 27 -2.81 -2.73 0.37
CA GLU A 27 -3.09 -4.19 0.56
C GLU A 27 -4.47 -4.40 1.23
N LYS A 28 -4.81 -3.47 2.13
CA LYS A 28 -6.06 -3.50 2.93
C LYS A 28 -7.29 -3.18 2.03
N LYS A 29 -7.09 -2.21 1.13
CA LYS A 29 -8.15 -1.69 0.24
C LYS A 29 -8.39 -2.66 -0.93
N ALA A 30 -7.28 -3.14 -1.48
CA ALA A 30 -7.26 -3.99 -2.68
C ALA A 30 -7.97 -5.32 -2.45
N ARG A 31 -7.71 -5.95 -1.28
CA ARG A 31 -8.26 -7.29 -0.94
C ARG A 31 -9.80 -7.32 -1.04
N LYS A 32 -10.43 -6.21 -0.61
CA LYS A 32 -11.91 -6.05 -0.64
C LYS A 32 -12.44 -6.13 -2.10
N ILE A 33 -11.67 -5.54 -3.00
CA ILE A 33 -11.99 -5.43 -4.44
C ILE A 33 -11.68 -6.75 -5.19
N LEU A 34 -10.51 -7.33 -4.90
CA LEU A 34 -9.97 -8.51 -5.61
C LEU A 34 -10.75 -9.79 -5.22
N GLU A 35 -11.14 -9.88 -3.94
CA GLU A 35 -11.92 -11.02 -3.42
C GLU A 35 -13.37 -10.94 -3.96
N LYS A 36 -13.87 -9.71 -4.17
CA LYS A 36 -15.22 -9.45 -4.74
C LYS A 36 -15.30 -9.96 -6.19
N GLY A 37 -14.19 -9.82 -6.94
CA GLY A 37 -14.12 -10.27 -8.34
C GLY A 37 -13.82 -9.14 -9.31
N ASP A 38 -13.49 -7.97 -8.74
CA ASP A 38 -13.11 -6.77 -9.51
C ASP A 38 -11.60 -6.53 -9.40
N SER A 39 -11.06 -5.75 -10.36
CA SER A 39 -9.67 -5.31 -10.38
C SER A 39 -9.54 -3.89 -9.79
N ILE A 40 -8.43 -3.61 -9.08
CA ILE A 40 -8.16 -2.28 -8.50
C ILE A 40 -7.04 -1.59 -9.29
N GLU A 41 -7.34 -0.40 -9.83
CA GLU A 41 -6.36 0.40 -10.56
C GLU A 41 -5.62 1.29 -9.55
N ILE A 42 -4.42 0.85 -9.15
CA ILE A 42 -3.55 1.57 -8.22
C ILE A 42 -2.65 2.54 -9.02
N ALA A 43 -3.05 3.83 -9.07
CA ALA A 43 -2.30 4.92 -9.74
C ALA A 43 -2.08 4.64 -11.25
N GLY A 44 -3.02 3.92 -11.88
CA GLY A 44 -2.91 3.53 -13.31
C GLY A 44 -2.54 2.06 -13.52
N PHE A 45 -1.95 1.41 -12.50
CA PHE A 45 -1.56 -0.02 -12.55
C PHE A 45 -2.77 -0.89 -12.18
N GLU A 46 -3.28 -1.68 -13.13
CA GLU A 46 -4.55 -2.42 -12.99
C GLU A 46 -4.32 -3.83 -12.41
N VAL A 47 -4.36 -3.92 -11.07
CA VAL A 47 -4.18 -5.19 -10.34
C VAL A 47 -5.43 -6.06 -10.42
N ARG A 48 -5.30 -7.25 -11.04
CA ARG A 48 -6.40 -8.23 -11.16
C ARG A 48 -6.51 -9.08 -9.88
N ASP A 49 -5.36 -9.56 -9.37
CA ASP A 49 -5.31 -10.57 -8.30
C ASP A 49 -4.27 -10.17 -7.24
N GLU A 50 -4.36 -10.79 -6.05
CA GLU A 50 -3.45 -10.53 -4.92
C GLU A 50 -1.98 -10.79 -5.27
N GLU A 51 -1.71 -11.73 -6.20
CA GLU A 51 -0.33 -12.06 -6.63
C GLU A 51 0.28 -10.92 -7.47
N ASP A 52 -0.56 -10.23 -8.26
CA ASP A 52 -0.15 -9.03 -9.02
C ASP A 52 -0.06 -7.82 -8.07
N LEU A 53 -0.88 -7.87 -6.99
CA LEU A 53 -0.85 -6.89 -5.89
C LEU A 53 0.51 -6.97 -5.17
N LYS A 54 1.07 -8.21 -5.02
CA LYS A 54 2.38 -8.43 -4.34
C LYS A 54 3.51 -7.65 -5.04
N LYS A 55 3.42 -7.57 -6.40
CA LYS A 55 4.42 -6.86 -7.25
C LYS A 55 4.55 -5.38 -6.82
N ILE A 56 3.42 -4.65 -6.91
CA ILE A 56 3.39 -3.20 -6.64
C ILE A 56 3.52 -2.93 -5.12
N LEU A 57 2.95 -3.80 -4.29
CA LEU A 57 2.87 -3.60 -2.80
C LEU A 57 4.28 -3.65 -2.20
N GLU A 58 4.98 -4.76 -2.46
CA GLU A 58 6.27 -5.09 -1.85
C GLU A 58 7.35 -4.09 -2.33
N TRP A 59 7.26 -3.71 -3.62
CA TRP A 59 8.21 -2.76 -4.24
C TRP A 59 7.96 -1.30 -3.76
N LEU A 60 6.68 -0.90 -3.70
CA LEU A 60 6.27 0.48 -3.32
C LEU A 60 6.64 0.75 -1.83
N ARG A 61 6.79 -0.34 -1.06
CA ARG A 61 7.24 -0.30 0.35
C ARG A 61 8.65 0.32 0.43
N ARG A 62 9.55 -0.04 -0.52
CA ARG A 62 10.91 0.54 -0.62
C ARG A 62 10.81 1.98 -1.14
N HIS A 63 9.87 2.20 -2.08
CA HIS A 63 9.64 3.51 -2.72
C HIS A 63 9.15 4.54 -1.67
N GLY A 64 9.77 5.72 -1.70
CA GLY A 64 9.48 6.80 -0.76
C GLY A 64 9.91 8.17 -1.31
N MET A 1 23.99 31.42 3.56
CA MET A 1 24.76 32.28 4.49
C MET A 1 25.69 31.40 5.36
N GLY A 2 26.93 31.87 5.58
CA GLY A 2 27.90 31.18 6.44
C GLY A 2 28.39 29.85 5.86
N SER A 3 28.77 29.89 4.56
CA SER A 3 29.24 28.70 3.82
C SER A 3 30.64 28.27 4.28
N SER A 4 30.77 26.98 4.62
CA SER A 4 32.04 26.39 5.08
C SER A 4 32.29 25.07 4.33
N HIS A 5 33.57 24.77 4.05
CA HIS A 5 33.99 23.56 3.32
C HIS A 5 35.08 22.82 4.14
N HIS A 6 35.67 21.77 3.52
CA HIS A 6 36.71 20.92 4.16
C HIS A 6 36.18 20.19 5.43
N HIS A 7 34.85 19.98 5.47
CA HIS A 7 34.17 19.25 6.56
C HIS A 7 33.66 17.90 6.05
N HIS A 8 33.46 16.96 6.99
CA HIS A 8 32.91 15.63 6.69
C HIS A 8 31.58 15.48 7.45
N HIS A 9 30.47 15.63 6.72
CA HIS A 9 29.11 15.62 7.26
C HIS A 9 28.22 14.77 6.34
N HIS A 10 27.72 13.66 6.88
CA HIS A 10 26.81 12.74 6.21
C HIS A 10 25.76 12.26 7.22
N SER A 11 24.61 12.94 7.25
CA SER A 11 23.50 12.66 8.16
C SER A 11 22.31 12.09 7.37
N SER A 12 22.29 10.75 7.20
CA SER A 12 21.21 10.04 6.51
C SER A 12 20.04 9.80 7.50
N GLY A 13 19.31 10.88 7.80
CA GLY A 13 18.17 10.84 8.70
C GLY A 13 16.91 10.37 7.99
N LEU A 14 16.46 9.13 8.28
CA LEU A 14 15.29 8.51 7.65
C LEU A 14 14.36 7.89 8.69
N VAL A 15 13.08 7.75 8.30
CA VAL A 15 12.03 7.10 9.11
C VAL A 15 11.22 6.15 8.18
N PRO A 16 11.56 4.81 8.14
CA PRO A 16 10.79 3.80 7.37
C PRO A 16 9.29 3.77 7.71
N ARG A 17 8.97 3.93 9.01
CA ARG A 17 7.60 3.98 9.53
C ARG A 17 7.24 5.40 10.00
N GLY A 18 5.96 5.59 10.31
CA GLY A 18 5.42 6.86 10.77
C GLY A 18 4.16 7.22 10.00
N SER A 19 4.30 8.13 9.02
CA SER A 19 3.20 8.54 8.12
C SER A 19 3.80 8.85 6.74
N HIS A 20 3.84 7.83 5.86
CA HIS A 20 4.49 7.90 4.51
C HIS A 20 3.59 7.24 3.46
N MET A 21 2.26 7.26 3.72
CA MET A 21 1.27 6.38 3.08
C MET A 21 1.64 4.93 3.43
N ASP A 22 1.30 4.55 4.68
CA ASP A 22 1.65 3.24 5.23
C ASP A 22 0.90 2.13 4.47
N ILE A 23 1.68 1.20 3.88
CA ILE A 23 1.19 0.21 2.90
C ILE A 23 0.33 -0.89 3.60
N GLU A 24 0.45 -0.96 4.94
CA GLU A 24 -0.22 -1.96 5.80
C GLU A 24 -1.75 -1.93 5.60
N GLU A 25 -2.32 -0.72 5.55
CA GLU A 25 -3.77 -0.51 5.38
C GLU A 25 -4.17 -0.58 3.89
N ILE A 26 -3.20 -0.28 2.99
CA ILE A 26 -3.45 -0.16 1.54
C ILE A 26 -3.79 -1.53 0.93
N GLU A 27 -3.02 -2.56 1.30
CA GLU A 27 -3.20 -3.93 0.77
C GLU A 27 -4.51 -4.58 1.28
N LYS A 28 -4.93 -4.18 2.49
CA LYS A 28 -6.20 -4.62 3.11
C LYS A 28 -7.41 -4.02 2.37
N LYS A 29 -7.31 -2.71 2.11
CA LYS A 29 -8.36 -1.91 1.49
C LYS A 29 -8.52 -2.24 -0.01
N ALA A 30 -7.38 -2.42 -0.69
CA ALA A 30 -7.31 -2.72 -2.14
C ALA A 30 -7.77 -4.16 -2.45
N ARG A 31 -7.54 -5.08 -1.47
CA ARG A 31 -7.95 -6.50 -1.60
C ARG A 31 -9.49 -6.63 -1.68
N LYS A 32 -10.21 -5.71 -1.00
CA LYS A 32 -11.69 -5.71 -0.97
C LYS A 32 -12.29 -5.56 -2.39
N ILE A 33 -11.58 -4.83 -3.25
CA ILE A 33 -11.95 -4.67 -4.67
C ILE A 33 -11.73 -6.01 -5.41
N LEU A 34 -10.56 -6.61 -5.19
CA LEU A 34 -10.19 -7.93 -5.77
C LEU A 34 -11.10 -9.07 -5.25
N GLU A 35 -11.66 -8.84 -4.05
CA GLU A 35 -12.49 -9.84 -3.33
C GLU A 35 -13.87 -9.97 -4.00
N LYS A 36 -14.37 -8.83 -4.52
CA LYS A 36 -15.61 -8.77 -5.32
C LYS A 36 -15.36 -9.22 -6.78
N GLY A 37 -14.08 -9.40 -7.14
CA GLY A 37 -13.69 -9.87 -8.49
C GLY A 37 -13.39 -8.72 -9.45
N ASP A 38 -13.26 -7.51 -8.90
CA ASP A 38 -12.90 -6.30 -9.67
C ASP A 38 -11.39 -6.11 -9.64
N SER A 39 -10.83 -5.64 -10.76
CA SER A 39 -9.43 -5.26 -10.86
C SER A 39 -9.25 -3.82 -10.35
N ILE A 40 -8.21 -3.59 -9.54
CA ILE A 40 -7.86 -2.23 -9.05
C ILE A 40 -6.56 -1.78 -9.74
N GLU A 41 -6.64 -0.70 -10.53
CA GLU A 41 -5.48 -0.16 -11.24
C GLU A 41 -4.64 0.68 -10.26
N ILE A 42 -3.61 0.05 -9.67
CA ILE A 42 -2.67 0.72 -8.76
C ILE A 42 -1.45 1.18 -9.57
N ALA A 43 -1.12 2.48 -9.48
CA ALA A 43 0.09 3.08 -10.10
C ALA A 43 0.11 2.94 -11.64
N GLY A 44 -1.08 2.79 -12.26
CA GLY A 44 -1.21 2.61 -13.72
C GLY A 44 -1.21 1.14 -14.15
N PHE A 45 -0.95 0.22 -13.20
CA PHE A 45 -0.95 -1.25 -13.44
C PHE A 45 -2.27 -1.86 -12.94
N GLU A 46 -3.03 -2.48 -13.87
CA GLU A 46 -4.29 -3.18 -13.55
C GLU A 46 -3.98 -4.47 -12.75
N VAL A 47 -4.22 -4.40 -11.43
CA VAL A 47 -4.08 -5.54 -10.52
C VAL A 47 -5.32 -6.45 -10.66
N ARG A 48 -5.13 -7.61 -11.33
CA ARG A 48 -6.20 -8.59 -11.57
C ARG A 48 -6.34 -9.52 -10.36
N ASP A 49 -5.27 -10.28 -10.10
CA ASP A 49 -5.18 -11.23 -9.00
C ASP A 49 -4.58 -10.57 -7.76
N GLU A 50 -4.69 -11.27 -6.62
CA GLU A 50 -4.06 -10.86 -5.36
C GLU A 50 -2.52 -10.88 -5.47
N GLU A 51 -2.00 -11.80 -6.31
CA GLU A 51 -0.55 -11.96 -6.55
C GLU A 51 0.02 -10.72 -7.28
N ASP A 52 -0.81 -10.02 -8.07
CA ASP A 52 -0.42 -8.75 -8.73
C ASP A 52 -0.27 -7.64 -7.70
N LEU A 53 -1.16 -7.65 -6.69
CA LEU A 53 -1.11 -6.70 -5.55
C LEU A 53 0.18 -6.97 -4.74
N LYS A 54 0.50 -8.26 -4.55
CA LYS A 54 1.68 -8.70 -3.75
C LYS A 54 3.00 -8.37 -4.45
N LYS A 55 3.01 -8.37 -5.80
CA LYS A 55 4.19 -7.96 -6.58
C LYS A 55 4.37 -6.44 -6.50
N ILE A 56 3.29 -5.69 -6.86
CA ILE A 56 3.32 -4.22 -6.91
C ILE A 56 3.50 -3.60 -5.49
N LEU A 57 3.13 -4.39 -4.45
CA LEU A 57 3.25 -4.07 -3.00
C LEU A 57 4.63 -3.45 -2.69
N GLU A 58 5.64 -4.04 -3.31
CA GLU A 58 7.05 -3.68 -3.12
C GLU A 58 7.32 -2.26 -3.66
N TRP A 59 6.71 -1.92 -4.82
CA TRP A 59 6.80 -0.56 -5.42
C TRP A 59 6.11 0.51 -4.56
N LEU A 60 4.98 0.13 -3.91
CA LEU A 60 4.28 1.03 -2.96
C LEU A 60 5.16 1.27 -1.71
N ARG A 61 5.94 0.24 -1.33
CA ARG A 61 6.93 0.32 -0.24
C ARG A 61 8.14 1.19 -0.67
N ARG A 62 8.53 1.06 -1.94
CA ARG A 62 9.67 1.80 -2.54
C ARG A 62 9.26 3.24 -2.93
N HIS A 63 7.96 3.56 -2.81
CA HIS A 63 7.42 4.91 -3.08
C HIS A 63 8.01 5.94 -2.10
N GLY A 64 8.95 6.77 -2.61
CA GLY A 64 9.61 7.81 -1.83
C GLY A 64 10.12 8.92 -2.75
N MET A 1 23.08 -14.41 5.49
CA MET A 1 21.86 -15.04 4.91
C MET A 1 20.59 -14.64 5.69
N GLY A 2 20.73 -13.66 6.63
CA GLY A 2 19.61 -13.18 7.43
C GLY A 2 18.67 -12.27 6.64
N SER A 3 17.73 -12.91 5.91
CA SER A 3 16.76 -12.21 5.04
C SER A 3 15.83 -11.29 5.83
N SER A 4 15.31 -11.82 6.97
CA SER A 4 14.43 -11.08 7.90
C SER A 4 13.15 -10.57 7.19
N HIS A 5 12.65 -11.41 6.26
CA HIS A 5 11.50 -11.08 5.37
C HIS A 5 10.13 -11.44 6.01
N HIS A 6 10.10 -11.50 7.35
CA HIS A 6 8.86 -11.70 8.14
C HIS A 6 8.62 -10.47 9.04
N HIS A 7 7.36 -10.28 9.48
CA HIS A 7 6.98 -9.17 10.39
C HIS A 7 5.68 -9.51 11.14
N HIS A 8 5.62 -9.09 12.42
CA HIS A 8 4.43 -9.21 13.29
C HIS A 8 4.04 -7.81 13.81
N HIS A 9 3.44 -7.00 12.93
CA HIS A 9 2.83 -5.72 13.30
C HIS A 9 1.44 -5.99 13.91
N HIS A 10 1.22 -5.58 15.18
CA HIS A 10 -0.12 -5.58 15.77
C HIS A 10 -0.90 -4.37 15.19
N SER A 11 -1.56 -4.62 14.05
CA SER A 11 -2.30 -3.59 13.29
C SER A 11 -3.69 -4.11 12.93
N SER A 12 -4.74 -3.52 13.54
CA SER A 12 -6.13 -3.75 13.14
C SER A 12 -6.39 -3.03 11.80
N GLY A 13 -5.73 -1.85 11.65
CA GLY A 13 -5.74 -1.08 10.41
C GLY A 13 -7.05 -0.37 10.12
N LEU A 14 -7.24 0.02 8.86
CA LEU A 14 -8.44 0.71 8.36
C LEU A 14 -8.50 0.56 6.83
N VAL A 15 -9.72 0.56 6.28
CA VAL A 15 -9.97 0.50 4.83
C VAL A 15 -10.64 1.81 4.33
N PRO A 16 -9.88 2.96 4.28
CA PRO A 16 -10.44 4.29 3.98
C PRO A 16 -10.28 4.65 2.48
N ARG A 17 -10.34 5.95 2.17
CA ARG A 17 -10.15 6.45 0.78
C ARG A 17 -8.67 6.39 0.34
N GLY A 18 -7.76 6.18 1.32
CA GLY A 18 -6.31 6.22 1.08
C GLY A 18 -5.70 7.44 1.76
N SER A 19 -6.16 7.68 3.00
CA SER A 19 -5.95 8.95 3.73
C SER A 19 -4.68 8.92 4.60
N HIS A 20 -4.11 7.72 4.84
CA HIS A 20 -2.86 7.57 5.62
C HIS A 20 -1.62 7.76 4.74
N MET A 21 -1.79 7.61 3.41
CA MET A 21 -0.70 7.57 2.41
C MET A 21 0.28 6.43 2.77
N ASP A 22 -0.29 5.24 3.01
CA ASP A 22 0.45 4.03 3.39
C ASP A 22 0.09 2.87 2.48
N ILE A 23 1.01 1.92 2.35
CA ILE A 23 0.82 0.72 1.51
C ILE A 23 -0.07 -0.28 2.27
N GLU A 24 0.06 -0.25 3.62
CA GLU A 24 -0.72 -1.09 4.55
C GLU A 24 -2.24 -0.99 4.29
N GLU A 25 -2.76 0.25 4.22
CA GLU A 25 -4.20 0.53 4.07
C GLU A 25 -4.71 0.11 2.66
N ILE A 26 -3.86 0.33 1.63
CA ILE A 26 -4.20 0.06 0.23
C ILE A 26 -4.27 -1.47 -0.02
N GLU A 27 -3.27 -2.16 0.52
CA GLU A 27 -3.11 -3.62 0.43
C GLU A 27 -4.29 -4.33 1.13
N LYS A 28 -4.68 -3.77 2.29
CA LYS A 28 -5.78 -4.24 3.12
C LYS A 28 -7.13 -4.11 2.38
N LYS A 29 -7.33 -2.91 1.80
CA LYS A 29 -8.57 -2.53 1.11
C LYS A 29 -8.68 -3.22 -0.26
N ALA A 30 -7.52 -3.50 -0.88
CA ALA A 30 -7.45 -4.12 -2.23
C ALA A 30 -8.00 -5.55 -2.20
N ARG A 31 -7.80 -6.25 -1.06
CA ARG A 31 -8.37 -7.60 -0.85
C ARG A 31 -9.91 -7.54 -0.86
N LYS A 32 -10.48 -6.40 -0.42
CA LYS A 32 -11.94 -6.16 -0.39
C LYS A 32 -12.49 -5.90 -1.82
N ILE A 33 -11.62 -5.38 -2.70
CA ILE A 33 -11.96 -5.15 -4.12
C ILE A 33 -11.92 -6.51 -4.87
N LEU A 34 -10.89 -7.32 -4.56
CA LEU A 34 -10.74 -8.68 -5.08
C LEU A 34 -11.67 -9.68 -4.32
N GLU A 35 -12.30 -9.22 -3.23
CA GLU A 35 -13.36 -9.96 -2.49
C GLU A 35 -14.64 -10.01 -3.35
N LYS A 36 -14.96 -8.84 -3.92
CA LYS A 36 -16.01 -8.68 -4.95
C LYS A 36 -15.64 -9.49 -6.22
N GLY A 37 -14.32 -9.67 -6.42
CA GLY A 37 -13.77 -10.32 -7.61
C GLY A 37 -13.35 -9.31 -8.66
N ASP A 38 -13.45 -8.01 -8.31
CA ASP A 38 -13.17 -6.89 -9.22
C ASP A 38 -11.69 -6.51 -9.16
N SER A 39 -11.15 -6.12 -10.33
CA SER A 39 -9.74 -5.69 -10.47
C SER A 39 -9.58 -4.21 -10.06
N ILE A 40 -8.47 -3.86 -9.40
CA ILE A 40 -8.18 -2.47 -8.98
C ILE A 40 -6.94 -1.92 -9.72
N GLU A 41 -7.09 -0.75 -10.34
CA GLU A 41 -5.98 0.02 -10.90
C GLU A 41 -5.25 0.74 -9.75
N ILE A 42 -3.95 0.46 -9.60
CA ILE A 42 -3.07 1.13 -8.62
C ILE A 42 -1.85 1.71 -9.35
N ALA A 43 -1.73 3.05 -9.34
CA ALA A 43 -0.58 3.80 -9.92
C ALA A 43 -0.46 3.62 -11.45
N GLY A 44 -1.62 3.30 -12.09
CA GLY A 44 -1.70 3.08 -13.54
C GLY A 44 -1.67 1.60 -13.93
N PHE A 45 -1.15 0.77 -13.02
CA PHE A 45 -1.00 -0.69 -13.21
C PHE A 45 -2.32 -1.41 -12.85
N GLU A 46 -2.56 -2.58 -13.49
CA GLU A 46 -3.79 -3.37 -13.30
C GLU A 46 -3.56 -4.52 -12.31
N VAL A 47 -4.41 -4.60 -11.26
CA VAL A 47 -4.36 -5.67 -10.25
C VAL A 47 -5.56 -6.62 -10.42
N ARG A 48 -5.31 -7.76 -11.08
CA ARG A 48 -6.31 -8.83 -11.27
C ARG A 48 -6.23 -9.86 -10.13
N ASP A 49 -5.04 -10.00 -9.53
CA ASP A 49 -4.76 -11.02 -8.49
C ASP A 49 -3.83 -10.48 -7.42
N GLU A 50 -3.56 -11.34 -6.40
CA GLU A 50 -2.52 -11.11 -5.38
C GLU A 50 -1.12 -11.01 -6.03
N GLU A 51 -0.97 -11.71 -7.17
CA GLU A 51 0.26 -11.74 -7.99
C GLU A 51 0.63 -10.32 -8.49
N ASP A 52 -0.40 -9.58 -8.88
CA ASP A 52 -0.29 -8.20 -9.36
C ASP A 52 -0.15 -7.22 -8.18
N LEU A 53 -0.95 -7.51 -7.12
CA LEU A 53 -1.09 -6.65 -5.93
C LEU A 53 0.25 -6.50 -5.19
N LYS A 54 0.89 -7.65 -4.92
CA LYS A 54 2.19 -7.69 -4.23
C LYS A 54 3.26 -6.95 -5.04
N LYS A 55 3.17 -7.00 -6.38
CA LYS A 55 4.19 -6.49 -7.30
C LYS A 55 4.19 -4.96 -7.36
N ILE A 56 3.00 -4.35 -7.53
CA ILE A 56 2.84 -2.88 -7.63
C ILE A 56 3.14 -2.21 -6.26
N LEU A 57 2.59 -2.80 -5.18
CA LEU A 57 2.70 -2.25 -3.83
C LEU A 57 4.06 -2.53 -3.17
N GLU A 58 4.79 -3.57 -3.66
CA GLU A 58 6.17 -3.83 -3.17
C GLU A 58 7.08 -2.64 -3.50
N TRP A 59 6.99 -2.19 -4.77
CA TRP A 59 7.75 -1.02 -5.26
C TRP A 59 7.45 0.21 -4.41
N LEU A 60 6.14 0.43 -4.14
CA LEU A 60 5.65 1.58 -3.37
C LEU A 60 6.09 1.50 -1.89
N ARG A 61 6.19 0.25 -1.36
CA ARG A 61 6.63 -0.02 0.03
C ARG A 61 8.15 0.19 0.17
N ARG A 62 8.88 -0.10 -0.92
CA ARG A 62 10.35 0.12 -1.00
C ARG A 62 10.67 1.58 -1.39
N HIS A 63 9.67 2.27 -1.98
CA HIS A 63 9.76 3.69 -2.37
C HIS A 63 9.76 4.57 -1.10
N GLY A 64 10.97 4.92 -0.63
CA GLY A 64 11.16 5.70 0.59
C GLY A 64 12.39 6.62 0.46
N MET A 1 41.19 11.26 29.57
CA MET A 1 41.42 10.05 28.73
C MET A 1 40.13 9.23 28.62
N GLY A 2 39.86 8.71 27.41
CA GLY A 2 38.66 7.90 27.14
C GLY A 2 37.83 8.48 26.00
N SER A 3 38.40 8.42 24.78
CA SER A 3 37.76 8.90 23.54
C SER A 3 36.51 8.04 23.23
N SER A 4 35.46 8.67 22.67
CA SER A 4 34.19 8.01 22.35
C SER A 4 33.78 8.30 20.90
N HIS A 5 34.13 7.38 19.98
CA HIS A 5 33.72 7.44 18.57
C HIS A 5 32.32 6.83 18.43
N HIS A 6 31.31 7.70 18.35
CA HIS A 6 29.88 7.33 18.35
C HIS A 6 29.45 6.83 16.96
N HIS A 7 29.79 5.56 16.67
CA HIS A 7 29.37 4.88 15.43
C HIS A 7 27.92 4.39 15.58
N HIS A 8 27.03 4.86 14.72
CA HIS A 8 25.62 4.44 14.69
C HIS A 8 25.48 3.10 13.96
N HIS A 9 24.48 2.32 14.40
CA HIS A 9 24.12 1.01 13.82
C HIS A 9 22.93 1.18 12.86
N HIS A 10 22.81 0.27 11.88
CA HIS A 10 21.71 0.32 10.90
C HIS A 10 20.40 -0.19 11.55
N SER A 11 19.27 0.44 11.19
CA SER A 11 17.94 -0.03 11.62
C SER A 11 17.53 -1.23 10.74
N SER A 12 16.95 -2.25 11.38
CA SER A 12 16.60 -3.53 10.72
C SER A 12 15.34 -4.12 11.38
N GLY A 13 14.87 -5.27 10.85
CA GLY A 13 13.68 -5.97 11.34
C GLY A 13 12.73 -6.33 10.22
N LEU A 14 11.81 -7.28 10.50
CA LEU A 14 10.78 -7.71 9.56
C LEU A 14 9.74 -6.58 9.38
N VAL A 15 9.38 -5.97 10.52
CA VAL A 15 8.47 -4.82 10.61
C VAL A 15 9.04 -3.80 11.63
N PRO A 16 9.92 -2.84 11.19
CA PRO A 16 10.41 -1.74 12.06
C PRO A 16 9.26 -0.81 12.50
N ARG A 17 8.92 -0.86 13.81
CA ARG A 17 7.83 -0.04 14.41
C ARG A 17 8.20 1.46 14.41
N GLY A 18 9.51 1.75 14.33
CA GLY A 18 10.01 3.12 14.20
C GLY A 18 9.55 3.80 12.89
N SER A 19 9.54 3.00 11.81
CA SER A 19 9.00 3.43 10.50
C SER A 19 7.46 3.43 10.54
N HIS A 20 6.84 4.61 10.33
CA HIS A 20 5.36 4.75 10.36
C HIS A 20 4.80 4.92 8.93
N MET A 21 4.91 3.84 8.14
CA MET A 21 4.39 3.77 6.75
C MET A 21 3.73 2.38 6.54
N ASP A 22 2.42 2.28 6.82
CA ASP A 22 1.67 1.02 6.67
C ASP A 22 1.26 0.85 5.20
N ILE A 23 2.08 0.10 4.43
CA ILE A 23 1.77 -0.24 3.03
C ILE A 23 0.63 -1.27 2.98
N GLU A 24 0.51 -2.07 4.08
CA GLU A 24 -0.55 -3.08 4.25
C GLU A 24 -1.94 -2.44 4.13
N GLU A 25 -2.06 -1.17 4.58
CA GLU A 25 -3.31 -0.38 4.50
C GLU A 25 -3.85 -0.35 3.05
N ILE A 26 -2.95 -0.06 2.10
CA ILE A 26 -3.28 -0.03 0.65
C ILE A 26 -3.69 -1.43 0.15
N GLU A 27 -3.03 -2.46 0.68
CA GLU A 27 -3.38 -3.86 0.40
C GLU A 27 -4.79 -4.20 0.92
N LYS A 28 -5.13 -3.72 2.13
CA LYS A 28 -6.41 -4.03 2.80
C LYS A 28 -7.59 -3.38 2.05
N LYS A 29 -7.30 -2.25 1.41
CA LYS A 29 -8.25 -1.51 0.56
C LYS A 29 -8.46 -2.28 -0.76
N ALA A 30 -7.35 -2.44 -1.51
CA ALA A 30 -7.37 -2.94 -2.91
C ALA A 30 -7.79 -4.42 -2.99
N ARG A 31 -7.32 -5.22 -2.02
CA ARG A 31 -7.51 -6.69 -2.01
C ARG A 31 -8.99 -7.07 -1.87
N LYS A 32 -9.79 -6.18 -1.22
CA LYS A 32 -11.25 -6.38 -1.08
C LYS A 32 -12.01 -6.03 -2.37
N ILE A 33 -11.42 -5.20 -3.24
CA ILE A 33 -11.94 -4.97 -4.60
C ILE A 33 -11.68 -6.23 -5.46
N LEU A 34 -10.49 -6.81 -5.25
CA LEU A 34 -10.06 -8.07 -5.90
C LEU A 34 -10.86 -9.26 -5.34
N GLU A 35 -11.33 -9.12 -4.08
CA GLU A 35 -12.20 -10.11 -3.38
C GLU A 35 -13.64 -10.02 -3.94
N LYS A 36 -14.05 -8.80 -4.33
CA LYS A 36 -15.30 -8.55 -5.07
C LYS A 36 -15.23 -9.14 -6.51
N GLY A 37 -14.01 -9.57 -6.91
CA GLY A 37 -13.79 -10.23 -8.19
C GLY A 37 -13.59 -9.23 -9.31
N ASP A 38 -12.95 -8.10 -8.98
CA ASP A 38 -12.72 -6.99 -9.93
C ASP A 38 -11.31 -6.41 -9.72
N SER A 39 -10.67 -6.03 -10.84
CA SER A 39 -9.31 -5.47 -10.85
C SER A 39 -9.35 -3.97 -10.60
N ILE A 40 -8.31 -3.41 -9.96
CA ILE A 40 -8.17 -1.96 -9.72
C ILE A 40 -6.82 -1.46 -10.28
N GLU A 41 -6.87 -0.37 -11.05
CA GLU A 41 -5.66 0.26 -11.60
C GLU A 41 -5.06 1.23 -10.56
N ILE A 42 -4.00 0.78 -9.89
CA ILE A 42 -3.26 1.57 -8.90
C ILE A 42 -1.95 2.08 -9.53
N ALA A 43 -1.80 3.43 -9.57
CA ALA A 43 -0.55 4.11 -10.03
C ALA A 43 -0.26 3.82 -11.52
N GLY A 44 -1.32 3.51 -12.30
CA GLY A 44 -1.20 3.19 -13.72
C GLY A 44 -1.09 1.68 -14.00
N PHE A 45 -0.89 0.89 -12.93
CA PHE A 45 -0.76 -0.58 -13.01
C PHE A 45 -2.07 -1.22 -12.54
N GLU A 46 -2.72 -1.99 -13.42
CA GLU A 46 -3.93 -2.74 -13.07
C GLU A 46 -3.55 -4.04 -12.35
N VAL A 47 -3.80 -4.09 -11.04
CA VAL A 47 -3.69 -5.32 -10.25
C VAL A 47 -4.96 -6.17 -10.44
N ARG A 48 -4.77 -7.47 -10.70
CA ARG A 48 -5.87 -8.41 -11.05
C ARG A 48 -6.34 -9.17 -9.80
N ASP A 49 -5.39 -9.65 -8.98
CA ASP A 49 -5.67 -10.54 -7.83
C ASP A 49 -4.76 -10.21 -6.63
N GLU A 50 -4.97 -10.92 -5.50
CA GLU A 50 -4.25 -10.65 -4.22
C GLU A 50 -2.74 -10.95 -4.33
N GLU A 51 -2.38 -12.03 -5.04
CA GLU A 51 -0.97 -12.44 -5.22
C GLU A 51 -0.26 -11.51 -6.22
N ASP A 52 -1.06 -10.90 -7.11
CA ASP A 52 -0.60 -9.86 -8.06
C ASP A 52 -0.44 -8.52 -7.32
N LEU A 53 -1.22 -8.33 -6.24
CA LEU A 53 -1.18 -7.11 -5.40
C LEU A 53 0.12 -7.07 -4.59
N LYS A 54 0.57 -8.25 -4.16
CA LYS A 54 1.84 -8.42 -3.41
C LYS A 54 3.06 -7.88 -4.20
N LYS A 55 2.94 -7.88 -5.55
CA LYS A 55 3.97 -7.36 -6.46
C LYS A 55 4.04 -5.81 -6.37
N ILE A 56 2.92 -5.17 -6.74
CA ILE A 56 2.80 -3.69 -6.85
C ILE A 56 2.88 -3.03 -5.46
N LEU A 57 2.50 -3.78 -4.42
CA LEU A 57 2.53 -3.33 -3.02
C LEU A 57 3.98 -2.91 -2.63
N GLU A 58 4.93 -3.78 -3.00
CA GLU A 58 6.36 -3.58 -2.76
C GLU A 58 6.91 -2.38 -3.56
N TRP A 59 6.36 -2.17 -4.78
CA TRP A 59 6.71 -1.05 -5.67
C TRP A 59 6.30 0.29 -5.04
N LEU A 60 5.11 0.32 -4.42
CA LEU A 60 4.58 1.52 -3.74
C LEU A 60 5.36 1.80 -2.43
N ARG A 61 5.84 0.72 -1.77
CA ARG A 61 6.56 0.85 -0.48
C ARG A 61 8.01 1.37 -0.71
N ARG A 62 8.65 0.94 -1.83
CA ARG A 62 9.99 1.44 -2.21
C ARG A 62 9.88 2.81 -2.93
N HIS A 63 8.66 3.16 -3.37
CA HIS A 63 8.38 4.45 -4.03
C HIS A 63 8.30 5.57 -2.96
N GLY A 64 9.42 6.24 -2.73
CA GLY A 64 9.50 7.36 -1.79
C GLY A 64 9.29 8.70 -2.51
N MET A 1 -16.16 14.77 -2.30
CA MET A 1 -15.39 15.85 -1.64
C MET A 1 -16.35 16.79 -0.90
N GLY A 2 -15.81 17.48 0.13
CA GLY A 2 -16.56 18.47 0.91
C GLY A 2 -15.60 19.43 1.60
N SER A 3 -14.67 19.99 0.80
CA SER A 3 -13.56 20.84 1.28
C SER A 3 -14.07 22.21 1.78
N SER A 4 -13.59 22.61 2.97
CA SER A 4 -13.92 23.89 3.62
C SER A 4 -12.69 24.84 3.61
N HIS A 5 -12.90 26.08 3.16
CA HIS A 5 -11.85 27.13 3.10
C HIS A 5 -11.79 27.94 4.43
N HIS A 6 -12.56 27.48 5.44
CA HIS A 6 -12.57 28.06 6.81
C HIS A 6 -11.15 28.06 7.43
N HIS A 7 -10.53 29.26 7.55
CA HIS A 7 -9.23 29.43 8.20
C HIS A 7 -9.36 29.11 9.70
N HIS A 8 -8.34 28.48 10.26
CA HIS A 8 -8.33 28.08 11.68
C HIS A 8 -7.75 29.22 12.54
N HIS A 9 -6.69 29.91 12.02
CA HIS A 9 -5.95 30.98 12.74
C HIS A 9 -5.27 30.42 14.02
N HIS A 10 -5.16 29.09 14.09
CA HIS A 10 -4.71 28.36 15.26
C HIS A 10 -3.17 28.32 15.33
N SER A 11 -2.61 28.85 16.43
CA SER A 11 -1.20 28.69 16.77
C SER A 11 -1.02 27.32 17.42
N SER A 12 -0.05 26.54 16.92
CA SER A 12 0.23 25.19 17.42
C SER A 12 0.77 25.24 18.86
N GLY A 13 0.23 24.36 19.71
CA GLY A 13 0.72 24.15 21.08
C GLY A 13 0.81 22.66 21.37
N LEU A 14 1.15 21.90 20.30
CA LEU A 14 1.18 20.43 20.32
C LEU A 14 2.18 19.96 19.25
N VAL A 15 2.87 18.83 19.50
CA VAL A 15 3.81 18.22 18.54
C VAL A 15 3.15 16.93 17.96
N PRO A 16 2.41 17.04 16.80
CA PRO A 16 1.73 15.88 16.20
C PRO A 16 2.69 15.08 15.26
N ARG A 17 2.87 13.79 15.57
CA ARG A 17 3.67 12.85 14.75
C ARG A 17 2.94 12.59 13.42
N GLY A 18 3.57 13.01 12.31
CA GLY A 18 3.00 12.89 10.97
C GLY A 18 3.08 11.47 10.41
N SER A 19 2.32 10.56 11.01
CA SER A 19 2.23 9.15 10.62
C SER A 19 0.85 8.92 9.98
N HIS A 20 0.79 9.09 8.65
CA HIS A 20 -0.49 9.09 7.88
C HIS A 20 -0.32 8.47 6.47
N MET A 21 0.87 7.89 6.19
CA MET A 21 1.16 7.20 4.91
C MET A 21 1.76 5.82 5.19
N ASP A 22 0.90 4.80 5.22
CA ASP A 22 1.29 3.39 5.33
C ASP A 22 0.92 2.65 4.05
N ILE A 23 1.86 1.86 3.55
CA ILE A 23 1.73 1.14 2.27
C ILE A 23 0.74 -0.04 2.45
N GLU A 24 0.80 -0.69 3.62
CA GLU A 24 -0.10 -1.81 4.01
C GLU A 24 -1.60 -1.41 3.96
N GLU A 25 -1.86 -0.10 4.13
CA GLU A 25 -3.23 0.47 4.16
C GLU A 25 -3.87 0.37 2.74
N ILE A 26 -3.03 0.47 1.69
CA ILE A 26 -3.47 0.33 0.28
C ILE A 26 -3.99 -1.12 0.04
N GLU A 27 -3.29 -2.09 0.65
CA GLU A 27 -3.65 -3.52 0.54
C GLU A 27 -5.05 -3.79 1.15
N LYS A 28 -5.37 -3.10 2.27
CA LYS A 28 -6.65 -3.26 3.01
C LYS A 28 -7.86 -3.09 2.05
N LYS A 29 -7.84 -1.99 1.28
CA LYS A 29 -8.87 -1.66 0.27
C LYS A 29 -8.90 -2.73 -0.84
N ALA A 30 -7.69 -3.09 -1.28
CA ALA A 30 -7.46 -3.96 -2.44
C ALA A 30 -7.95 -5.40 -2.22
N ARG A 31 -7.85 -5.88 -0.97
CA ARG A 31 -8.27 -7.25 -0.61
C ARG A 31 -9.80 -7.41 -0.73
N LYS A 32 -10.53 -6.32 -0.44
CA LYS A 32 -12.00 -6.26 -0.58
C LYS A 32 -12.41 -6.22 -2.07
N ILE A 33 -11.64 -5.44 -2.86
CA ILE A 33 -11.90 -5.25 -4.31
C ILE A 33 -11.70 -6.57 -5.09
N LEU A 34 -10.56 -7.24 -4.82
CA LEU A 34 -10.22 -8.53 -5.42
C LEU A 34 -11.14 -9.65 -4.88
N GLU A 35 -11.72 -9.44 -3.68
CA GLU A 35 -12.75 -10.34 -3.10
C GLU A 35 -14.07 -10.24 -3.88
N LYS A 36 -14.41 -9.02 -4.31
CA LYS A 36 -15.58 -8.74 -5.16
C LYS A 36 -15.37 -9.25 -6.60
N GLY A 37 -14.12 -9.67 -6.91
CA GLY A 37 -13.77 -10.15 -8.24
C GLY A 37 -13.61 -9.00 -9.21
N ASP A 38 -13.01 -7.92 -8.73
CA ASP A 38 -12.80 -6.66 -9.47
C ASP A 38 -11.31 -6.30 -9.41
N SER A 39 -10.81 -5.69 -10.50
CA SER A 39 -9.40 -5.26 -10.60
C SER A 39 -9.22 -3.87 -9.95
N ILE A 40 -8.10 -3.67 -9.24
CA ILE A 40 -7.78 -2.37 -8.60
C ILE A 40 -6.59 -1.71 -9.34
N GLU A 41 -6.80 -0.46 -9.77
CA GLU A 41 -5.78 0.34 -10.45
C GLU A 41 -4.96 1.11 -9.39
N ILE A 42 -3.74 0.60 -9.09
CA ILE A 42 -2.81 1.24 -8.14
C ILE A 42 -1.70 1.95 -8.91
N ALA A 43 -1.72 3.30 -8.89
CA ALA A 43 -0.70 4.16 -9.54
C ALA A 43 -0.67 3.98 -11.08
N GLY A 44 -1.82 3.55 -11.65
CA GLY A 44 -1.94 3.24 -13.08
C GLY A 44 -1.78 1.75 -13.40
N PHE A 45 -1.16 0.99 -12.46
CA PHE A 45 -0.92 -0.45 -12.61
C PHE A 45 -2.22 -1.24 -12.38
N GLU A 46 -2.63 -2.00 -13.40
CA GLU A 46 -3.85 -2.81 -13.36
C GLU A 46 -3.58 -4.16 -12.63
N VAL A 47 -3.88 -4.16 -11.31
CA VAL A 47 -3.82 -5.37 -10.48
C VAL A 47 -4.99 -6.31 -10.84
N ARG A 48 -4.69 -7.38 -11.56
CA ARG A 48 -5.68 -8.37 -12.00
C ARG A 48 -5.83 -9.48 -10.95
N ASP A 49 -4.68 -9.96 -10.45
CA ASP A 49 -4.60 -10.97 -9.38
C ASP A 49 -3.93 -10.35 -8.14
N GLU A 50 -4.15 -10.99 -6.98
CA GLU A 50 -3.53 -10.58 -5.72
C GLU A 50 -2.01 -10.80 -5.74
N GLU A 51 -1.52 -11.62 -6.69
CA GLU A 51 -0.09 -11.79 -6.93
C GLU A 51 0.51 -10.50 -7.56
N ASP A 52 -0.26 -9.86 -8.48
CA ASP A 52 0.08 -8.52 -9.04
C ASP A 52 0.06 -7.48 -7.92
N LEU A 53 -0.91 -7.64 -6.99
CA LEU A 53 -1.07 -6.78 -5.82
C LEU A 53 0.18 -6.81 -4.96
N LYS A 54 0.68 -8.02 -4.71
CA LYS A 54 1.89 -8.23 -3.88
C LYS A 54 3.10 -7.55 -4.53
N LYS A 55 3.27 -7.72 -5.85
CA LYS A 55 4.40 -7.13 -6.60
C LYS A 55 4.42 -5.59 -6.51
N ILE A 56 3.25 -4.95 -6.75
CA ILE A 56 3.14 -3.46 -6.74
C ILE A 56 3.34 -2.92 -5.31
N LEU A 57 2.76 -3.61 -4.30
CA LEU A 57 2.91 -3.27 -2.86
C LEU A 57 4.37 -3.46 -2.39
N GLU A 58 5.12 -4.39 -3.03
CA GLU A 58 6.58 -4.58 -2.76
C GLU A 58 7.38 -3.38 -3.29
N TRP A 59 6.93 -2.79 -4.41
CA TRP A 59 7.58 -1.60 -5.00
C TRP A 59 7.18 -0.31 -4.25
N LEU A 60 5.98 -0.31 -3.62
CA LEU A 60 5.45 0.85 -2.87
C LEU A 60 6.17 0.97 -1.51
N ARG A 61 6.37 -0.19 -0.84
CA ARG A 61 7.02 -0.24 0.50
C ARG A 61 8.49 0.21 0.44
N ARG A 62 9.07 0.18 -0.78
CA ARG A 62 10.38 0.76 -1.06
C ARG A 62 10.21 2.28 -1.26
N HIS A 63 9.44 2.66 -2.30
CA HIS A 63 9.03 4.05 -2.59
C HIS A 63 8.00 4.10 -3.74
N GLY A 64 6.79 4.61 -3.44
CA GLY A 64 5.78 4.90 -4.46
C GLY A 64 5.74 6.40 -4.83
N MET A 1 -0.08 -29.67 -20.69
CA MET A 1 1.22 -30.17 -20.19
C MET A 1 1.91 -29.17 -19.23
N GLY A 2 1.28 -28.01 -19.00
CA GLY A 2 1.83 -26.97 -18.10
C GLY A 2 1.16 -26.95 -16.73
N SER A 3 1.44 -25.88 -15.95
CA SER A 3 0.87 -25.68 -14.60
C SER A 3 -0.67 -25.49 -14.66
N SER A 4 -1.41 -26.52 -14.24
CA SER A 4 -2.88 -26.48 -14.16
C SER A 4 -3.35 -25.55 -13.03
N HIS A 5 -2.57 -25.51 -11.94
CA HIS A 5 -2.88 -24.73 -10.72
C HIS A 5 -1.97 -23.48 -10.65
N HIS A 6 -2.59 -22.34 -10.25
CA HIS A 6 -1.91 -21.03 -10.07
C HIS A 6 -2.40 -20.40 -8.74
N HIS A 7 -2.14 -19.09 -8.55
CA HIS A 7 -2.53 -18.36 -7.31
C HIS A 7 -4.06 -18.17 -7.25
N HIS A 8 -4.63 -18.66 -6.15
CA HIS A 8 -6.08 -18.61 -5.85
C HIS A 8 -6.27 -18.43 -4.34
N HIS A 9 -5.29 -17.75 -3.69
CA HIS A 9 -5.30 -17.51 -2.25
C HIS A 9 -6.44 -16.57 -1.87
N HIS A 10 -7.51 -17.13 -1.31
CA HIS A 10 -8.66 -16.36 -0.82
C HIS A 10 -8.34 -15.79 0.57
N SER A 11 -7.81 -14.57 0.59
CA SER A 11 -7.65 -13.77 1.81
C SER A 11 -8.81 -12.76 1.86
N SER A 12 -9.27 -12.47 3.09
CA SER A 12 -10.36 -11.51 3.36
C SER A 12 -10.39 -11.19 4.86
N GLY A 13 -10.54 -9.91 5.19
CA GLY A 13 -10.57 -9.46 6.58
C GLY A 13 -10.91 -7.99 6.72
N LEU A 14 -11.25 -7.59 7.94
CA LEU A 14 -11.66 -6.21 8.28
C LEU A 14 -10.53 -5.21 8.00
N VAL A 15 -10.85 -4.18 7.21
CA VAL A 15 -9.92 -3.09 6.88
C VAL A 15 -9.86 -2.11 8.07
N PRO A 16 -8.67 -1.91 8.71
CA PRO A 16 -8.50 -0.91 9.78
C PRO A 16 -8.04 0.46 9.24
N ARG A 17 -7.99 1.47 10.14
CA ARG A 17 -7.56 2.85 9.79
C ARG A 17 -6.57 3.34 10.87
N GLY A 18 -5.66 2.44 11.27
CA GLY A 18 -4.68 2.71 12.32
C GLY A 18 -3.50 3.58 11.85
N SER A 19 -3.25 3.59 10.52
CA SER A 19 -2.19 4.41 9.90
C SER A 19 -2.65 4.88 8.51
N HIS A 20 -2.39 6.17 8.18
CA HIS A 20 -2.76 6.73 6.86
C HIS A 20 -1.70 6.35 5.81
N MET A 21 -0.45 6.79 6.05
CA MET A 21 0.69 6.50 5.17
C MET A 21 1.28 5.13 5.53
N ASP A 22 0.59 4.05 5.07
CA ASP A 22 1.00 2.67 5.33
C ASP A 22 0.50 1.72 4.21
N ILE A 23 1.39 0.82 3.79
CA ILE A 23 1.23 -0.03 2.61
C ILE A 23 0.32 -1.25 2.91
N GLU A 24 0.39 -1.75 4.15
CA GLU A 24 -0.47 -2.86 4.63
C GLU A 24 -1.95 -2.40 4.64
N GLU A 25 -2.16 -1.12 5.00
CA GLU A 25 -3.50 -0.46 4.94
C GLU A 25 -4.01 -0.40 3.48
N ILE A 26 -3.09 -0.09 2.55
CA ILE A 26 -3.38 0.00 1.09
C ILE A 26 -3.82 -1.38 0.54
N GLU A 27 -3.12 -2.45 0.98
CA GLU A 27 -3.41 -3.82 0.53
C GLU A 27 -4.80 -4.26 1.05
N LYS A 28 -5.11 -3.91 2.32
CA LYS A 28 -6.41 -4.23 2.95
C LYS A 28 -7.54 -3.44 2.26
N LYS A 29 -7.25 -2.20 1.86
CA LYS A 29 -8.22 -1.30 1.19
C LYS A 29 -8.55 -1.84 -0.23
N ALA A 30 -7.49 -2.27 -0.92
CA ALA A 30 -7.58 -2.84 -2.28
C ALA A 30 -8.13 -4.28 -2.26
N ARG A 31 -7.93 -4.96 -1.11
CA ARG A 31 -8.43 -6.32 -0.84
C ARG A 31 -9.96 -6.41 -1.06
N LYS A 32 -10.67 -5.34 -0.66
CA LYS A 32 -12.12 -5.20 -0.87
C LYS A 32 -12.50 -5.33 -2.37
N ILE A 33 -11.65 -4.75 -3.25
CA ILE A 33 -11.85 -4.79 -4.71
C ILE A 33 -11.51 -6.20 -5.26
N LEU A 34 -10.46 -6.82 -4.68
CA LEU A 34 -9.97 -8.16 -5.09
C LEU A 34 -11.02 -9.25 -4.82
N GLU A 35 -11.51 -9.30 -3.56
CA GLU A 35 -12.51 -10.30 -3.11
C GLU A 35 -13.88 -10.06 -3.77
N LYS A 36 -14.15 -8.78 -4.15
CA LYS A 36 -15.32 -8.39 -4.95
C LYS A 36 -15.27 -9.08 -6.33
N GLY A 37 -14.06 -9.10 -6.92
CA GLY A 37 -13.84 -9.73 -8.23
C GLY A 37 -13.45 -8.73 -9.32
N ASP A 38 -13.46 -7.43 -8.96
CA ASP A 38 -13.03 -6.35 -9.88
C ASP A 38 -11.50 -6.17 -9.80
N SER A 39 -10.93 -5.51 -10.81
CA SER A 39 -9.49 -5.20 -10.86
C SER A 39 -9.26 -3.71 -10.54
N ILE A 40 -8.27 -3.43 -9.66
CA ILE A 40 -7.95 -2.04 -9.24
C ILE A 40 -6.59 -1.62 -9.82
N GLU A 41 -6.60 -0.58 -10.69
CA GLU A 41 -5.37 -0.09 -11.33
C GLU A 41 -4.55 0.73 -10.32
N ILE A 42 -3.58 0.06 -9.66
CA ILE A 42 -2.69 0.67 -8.66
C ILE A 42 -1.38 1.08 -9.34
N ALA A 43 -1.08 2.40 -9.29
CA ALA A 43 0.16 3.01 -9.86
C ALA A 43 0.30 2.77 -11.38
N GLY A 44 -0.84 2.57 -12.07
CA GLY A 44 -0.86 2.35 -13.53
C GLY A 44 -0.98 0.87 -13.91
N PHE A 45 -0.82 -0.04 -12.93
CA PHE A 45 -0.91 -1.49 -13.14
C PHE A 45 -2.26 -2.04 -12.66
N GLU A 46 -3.06 -2.61 -13.60
CA GLU A 46 -4.37 -3.23 -13.32
C GLU A 46 -4.19 -4.53 -12.52
N VAL A 47 -4.38 -4.41 -11.20
CA VAL A 47 -4.23 -5.52 -10.24
C VAL A 47 -5.44 -6.48 -10.34
N ARG A 48 -5.18 -7.68 -10.91
CA ARG A 48 -6.21 -8.71 -11.17
C ARG A 48 -6.09 -9.91 -10.17
N ASP A 49 -5.02 -9.91 -9.35
CA ASP A 49 -4.79 -10.94 -8.29
C ASP A 49 -4.03 -10.28 -7.12
N GLU A 50 -4.06 -10.90 -5.93
CA GLU A 50 -3.36 -10.38 -4.74
C GLU A 50 -1.83 -10.45 -4.90
N GLU A 51 -1.32 -11.51 -5.57
CA GLU A 51 0.14 -11.66 -5.85
C GLU A 51 0.59 -10.61 -6.87
N ASP A 52 -0.37 -10.18 -7.72
CA ASP A 52 -0.16 -9.14 -8.72
C ASP A 52 -0.15 -7.74 -8.06
N LEU A 53 -0.88 -7.62 -6.93
CA LEU A 53 -0.80 -6.44 -6.04
C LEU A 53 0.62 -6.40 -5.42
N LYS A 54 1.12 -7.58 -5.05
CA LYS A 54 2.43 -7.72 -4.37
C LYS A 54 3.62 -7.36 -5.30
N LYS A 55 3.39 -7.44 -6.63
CA LYS A 55 4.36 -6.97 -7.65
C LYS A 55 4.53 -5.43 -7.57
N ILE A 56 3.39 -4.70 -7.52
CA ILE A 56 3.38 -3.23 -7.42
C ILE A 56 3.63 -2.78 -5.96
N LEU A 57 3.35 -3.69 -4.99
CA LEU A 57 3.54 -3.46 -3.54
C LEU A 57 5.03 -3.21 -3.21
N GLU A 58 5.93 -3.74 -4.07
CA GLU A 58 7.36 -3.40 -4.05
C GLU A 58 7.56 -1.88 -4.22
N TRP A 59 6.89 -1.31 -5.24
CA TRP A 59 6.94 0.13 -5.55
C TRP A 59 6.11 0.95 -4.56
N LEU A 60 5.10 0.33 -3.92
CA LEU A 60 4.28 0.99 -2.87
C LEU A 60 5.08 1.11 -1.56
N ARG A 61 5.90 0.08 -1.26
CA ARG A 61 6.64 -0.02 0.02
C ARG A 61 7.95 0.78 -0.05
N ARG A 62 8.72 0.51 -1.09
CA ARG A 62 10.12 0.98 -1.24
C ARG A 62 10.17 2.36 -1.92
N HIS A 63 9.06 2.76 -2.57
CA HIS A 63 8.95 4.04 -3.32
C HIS A 63 7.54 4.64 -3.18
N GLY A 64 7.01 4.61 -1.93
CA GLY A 64 5.61 4.97 -1.65
C GLY A 64 5.21 6.41 -2.03
N MET A 1 36.91 26.17 14.87
CA MET A 1 38.24 26.23 14.24
C MET A 1 38.74 24.81 13.94
N GLY A 2 40.02 24.67 13.55
CA GLY A 2 40.64 23.36 13.32
C GLY A 2 40.86 22.57 14.62
N SER A 3 39.76 22.01 15.17
CA SER A 3 39.76 21.31 16.46
C SER A 3 38.60 20.27 16.53
N SER A 4 38.10 19.84 15.34
CA SER A 4 37.08 18.77 15.24
C SER A 4 37.75 17.40 15.51
N HIS A 5 37.30 16.73 16.58
CA HIS A 5 37.99 15.56 17.17
C HIS A 5 37.01 14.36 17.28
N HIS A 6 37.16 13.54 18.36
CA HIS A 6 36.32 12.35 18.62
C HIS A 6 34.83 12.74 18.81
N HIS A 7 33.96 12.26 17.88
CA HIS A 7 32.51 12.48 17.95
C HIS A 7 31.86 11.40 18.84
N HIS A 8 31.65 11.75 20.12
CA HIS A 8 31.07 10.84 21.13
C HIS A 8 29.58 10.53 20.79
N HIS A 9 29.27 9.22 20.59
CA HIS A 9 27.92 8.76 20.17
C HIS A 9 26.87 9.02 21.28
N HIS A 10 25.60 9.18 20.89
CA HIS A 10 24.51 9.54 21.81
C HIS A 10 23.25 8.72 21.48
N SER A 11 22.72 7.99 22.48
CA SER A 11 21.53 7.15 22.35
C SER A 11 20.29 8.03 22.07
N SER A 12 19.75 7.91 20.85
CA SER A 12 18.58 8.66 20.37
C SER A 12 17.94 7.90 19.19
N GLY A 13 17.06 6.95 19.53
CA GLY A 13 16.36 6.11 18.55
C GLY A 13 15.15 6.83 17.96
N LEU A 14 15.43 7.85 17.12
CA LEU A 14 14.41 8.71 16.50
C LEU A 14 13.53 7.91 15.51
N VAL A 15 12.20 8.04 15.65
CA VAL A 15 11.22 7.38 14.76
C VAL A 15 10.53 8.45 13.88
N PRO A 16 11.05 8.71 12.63
CA PRO A 16 10.41 9.64 11.68
C PRO A 16 9.19 8.97 11.00
N ARG A 17 7.98 9.46 11.36
CA ARG A 17 6.71 8.88 10.86
C ARG A 17 5.78 10.01 10.33
N GLY A 18 6.12 10.49 9.13
CA GLY A 18 5.30 11.48 8.41
C GLY A 18 4.90 10.98 7.03
N SER A 19 5.28 9.73 6.73
CA SER A 19 5.08 9.10 5.42
C SER A 19 3.72 8.37 5.38
N HIS A 20 2.87 8.76 4.42
CA HIS A 20 1.53 8.17 4.22
C HIS A 20 1.61 6.99 3.21
N MET A 21 0.46 6.59 2.62
CA MET A 21 0.34 5.42 1.69
C MET A 21 0.79 4.13 2.42
N ASP A 22 0.17 3.90 3.58
CA ASP A 22 0.49 2.77 4.47
C ASP A 22 0.14 1.44 3.77
N ILE A 23 1.11 0.52 3.75
CA ILE A 23 1.04 -0.78 3.04
C ILE A 23 -0.19 -1.60 3.45
N GLU A 24 -0.47 -1.63 4.77
CA GLU A 24 -1.61 -2.39 5.32
C GLU A 24 -2.93 -1.86 4.73
N GLU A 25 -3.07 -0.52 4.69
CA GLU A 25 -4.28 0.17 4.19
C GLU A 25 -4.52 -0.11 2.69
N ILE A 26 -3.42 -0.11 1.91
CA ILE A 26 -3.47 -0.35 0.45
C ILE A 26 -3.91 -1.80 0.17
N GLU A 27 -3.30 -2.76 0.88
CA GLU A 27 -3.60 -4.19 0.74
C GLU A 27 -5.02 -4.51 1.29
N LYS A 28 -5.42 -3.77 2.33
CA LYS A 28 -6.70 -3.95 3.05
C LYS A 28 -7.89 -3.67 2.13
N LYS A 29 -7.80 -2.53 1.39
CA LYS A 29 -8.88 -2.10 0.48
C LYS A 29 -8.85 -2.95 -0.80
N ALA A 30 -7.64 -3.19 -1.34
CA ALA A 30 -7.44 -3.88 -2.63
C ALA A 30 -7.86 -5.36 -2.55
N ARG A 31 -7.60 -5.99 -1.40
CA ARG A 31 -7.96 -7.41 -1.18
C ARG A 31 -9.50 -7.57 -1.11
N LYS A 32 -10.20 -6.55 -0.56
CA LYS A 32 -11.68 -6.54 -0.49
C LYS A 32 -12.31 -6.25 -1.87
N ILE A 33 -11.58 -5.48 -2.71
CA ILE A 33 -11.96 -5.24 -4.12
C ILE A 33 -11.80 -6.55 -4.93
N LEU A 34 -10.78 -7.34 -4.60
CA LEU A 34 -10.53 -8.68 -5.20
C LEU A 34 -11.52 -9.73 -4.62
N GLU A 35 -12.01 -9.49 -3.39
CA GLU A 35 -13.07 -10.29 -2.74
C GLU A 35 -14.40 -10.11 -3.50
N LYS A 36 -14.64 -8.88 -3.95
CA LYS A 36 -15.75 -8.50 -4.87
C LYS A 36 -15.55 -9.18 -6.25
N GLY A 37 -14.28 -9.32 -6.65
CA GLY A 37 -13.91 -9.89 -7.96
C GLY A 37 -13.73 -8.79 -9.00
N ASP A 38 -13.23 -7.65 -8.53
CA ASP A 38 -13.08 -6.42 -9.32
C ASP A 38 -11.58 -6.06 -9.37
N SER A 39 -11.17 -5.39 -10.45
CA SER A 39 -9.76 -5.03 -10.69
C SER A 39 -9.52 -3.58 -10.30
N ILE A 40 -8.44 -3.33 -9.54
CA ILE A 40 -8.06 -1.99 -9.04
C ILE A 40 -6.75 -1.53 -9.70
N GLU A 41 -6.82 -0.44 -10.46
CA GLU A 41 -5.64 0.21 -11.06
C GLU A 41 -4.91 1.02 -9.98
N ILE A 42 -3.61 0.71 -9.76
CA ILE A 42 -2.75 1.41 -8.81
C ILE A 42 -1.48 1.87 -9.55
N ALA A 43 -1.34 3.19 -9.77
CA ALA A 43 -0.12 3.82 -10.34
C ALA A 43 0.22 3.32 -11.76
N GLY A 44 -0.80 2.83 -12.49
CA GLY A 44 -0.64 2.30 -13.85
C GLY A 44 -0.43 0.78 -13.88
N PHE A 45 -0.79 0.10 -12.77
CA PHE A 45 -0.73 -1.37 -12.63
C PHE A 45 -2.15 -1.91 -12.45
N GLU A 46 -2.58 -2.83 -13.35
CA GLU A 46 -3.92 -3.44 -13.26
C GLU A 46 -3.89 -4.65 -12.31
N VAL A 47 -4.35 -4.43 -11.07
CA VAL A 47 -4.42 -5.49 -10.07
C VAL A 47 -5.66 -6.37 -10.31
N ARG A 48 -5.46 -7.46 -11.07
CA ARG A 48 -6.47 -8.50 -11.31
C ARG A 48 -6.50 -9.45 -10.10
N ASP A 49 -5.30 -9.92 -9.72
CA ASP A 49 -5.10 -10.89 -8.62
C ASP A 49 -4.16 -10.30 -7.56
N GLU A 50 -4.07 -11.02 -6.42
CA GLU A 50 -3.24 -10.61 -5.27
C GLU A 50 -1.75 -10.57 -5.61
N GLU A 51 -1.34 -11.36 -6.62
CA GLU A 51 0.05 -11.40 -7.12
C GLU A 51 0.44 -10.08 -7.80
N ASP A 52 -0.55 -9.45 -8.49
CA ASP A 52 -0.40 -8.11 -9.11
C ASP A 52 -0.27 -7.03 -8.02
N LEU A 53 -1.07 -7.20 -6.94
CA LEU A 53 -1.11 -6.26 -5.79
C LEU A 53 0.25 -6.25 -5.08
N LYS A 54 0.71 -7.44 -4.66
CA LYS A 54 1.96 -7.62 -3.89
C LYS A 54 3.20 -7.26 -4.73
N LYS A 55 3.07 -7.39 -6.07
CA LYS A 55 4.09 -6.97 -7.04
C LYS A 55 4.37 -5.46 -6.89
N ILE A 56 3.31 -4.63 -6.99
CA ILE A 56 3.43 -3.17 -6.85
C ILE A 56 3.55 -2.75 -5.38
N LEU A 57 3.05 -3.57 -4.45
CA LEU A 57 3.01 -3.25 -3.00
C LEU A 57 4.44 -3.10 -2.44
N GLU A 58 5.36 -3.89 -3.01
CA GLU A 58 6.81 -3.82 -2.72
C GLU A 58 7.42 -2.55 -3.33
N TRP A 59 6.91 -2.15 -4.53
CA TRP A 59 7.29 -0.90 -5.22
C TRP A 59 6.82 0.33 -4.40
N LEU A 60 5.65 0.19 -3.74
CA LEU A 60 5.03 1.23 -2.89
C LEU A 60 5.81 1.37 -1.56
N ARG A 61 6.48 0.27 -1.16
CA ARG A 61 7.42 0.27 -0.02
C ARG A 61 8.73 0.98 -0.44
N ARG A 62 9.21 0.66 -1.65
CA ARG A 62 10.46 1.23 -2.20
C ARG A 62 10.20 2.55 -2.97
N HIS A 63 8.98 3.11 -2.81
CA HIS A 63 8.63 4.42 -3.34
C HIS A 63 9.21 5.51 -2.41
N GLY A 64 10.26 6.19 -2.88
CA GLY A 64 10.91 7.27 -2.12
C GLY A 64 11.39 8.40 -3.04
N MET A 1 10.30 -23.40 2.01
CA MET A 1 9.79 -22.11 1.52
C MET A 1 8.28 -21.98 1.80
N GLY A 2 7.78 -20.73 1.82
CA GLY A 2 6.35 -20.45 2.04
C GLY A 2 5.91 -20.67 3.48
N SER A 3 6.88 -20.60 4.42
CA SER A 3 6.63 -20.80 5.85
C SER A 3 5.90 -19.57 6.43
N SER A 4 4.56 -19.64 6.44
CA SER A 4 3.70 -18.53 6.88
C SER A 4 2.72 -19.02 7.96
N HIS A 5 3.14 -18.87 9.23
CA HIS A 5 2.27 -19.16 10.38
C HIS A 5 1.41 -17.90 10.65
N HIS A 6 0.44 -17.67 9.75
CA HIS A 6 -0.42 -16.48 9.75
C HIS A 6 -1.64 -16.66 10.68
N HIS A 7 -1.38 -17.15 11.91
CA HIS A 7 -2.38 -17.22 12.99
C HIS A 7 -2.26 -15.97 13.84
N HIS A 8 -2.78 -14.87 13.29
CA HIS A 8 -2.79 -13.54 13.94
C HIS A 8 -4.14 -12.87 13.76
N HIS A 9 -4.39 -11.85 14.58
CA HIS A 9 -5.62 -11.05 14.55
C HIS A 9 -5.32 -9.65 15.11
N HIS A 10 -6.15 -8.65 14.75
CA HIS A 10 -5.97 -7.25 15.16
C HIS A 10 -6.65 -6.99 16.53
N SER A 11 -6.30 -7.84 17.53
CA SER A 11 -6.78 -7.74 18.93
C SER A 11 -8.33 -7.82 19.06
N SER A 12 -9.00 -8.29 17.97
CA SER A 12 -10.48 -8.33 17.86
C SER A 12 -11.09 -6.92 18.05
N GLY A 13 -10.34 -5.89 17.60
CA GLY A 13 -10.69 -4.48 17.78
C GLY A 13 -10.47 -3.65 16.53
N LEU A 14 -10.81 -2.34 16.59
CA LEU A 14 -10.76 -1.43 15.43
C LEU A 14 -9.33 -1.12 15.00
N VAL A 15 -9.20 -0.65 13.74
CA VAL A 15 -7.97 -0.06 13.21
C VAL A 15 -8.13 1.49 13.25
N PRO A 16 -7.59 2.20 14.28
CA PRO A 16 -7.64 3.68 14.33
C PRO A 16 -6.62 4.30 13.34
N ARG A 17 -7.11 5.25 12.51
CA ARG A 17 -6.28 5.97 11.53
C ARG A 17 -5.33 6.97 12.23
N GLY A 18 -4.22 7.27 11.56
CA GLY A 18 -3.24 8.22 12.08
C GLY A 18 -2.28 8.64 10.99
N SER A 19 -1.27 7.81 10.75
CA SER A 19 -0.30 8.02 9.67
C SER A 19 -0.87 7.52 8.32
N HIS A 20 -0.32 8.02 7.21
CA HIS A 20 -0.72 7.64 5.84
C HIS A 20 0.50 7.08 5.09
N MET A 21 0.30 6.65 3.83
CA MET A 21 1.32 5.93 3.02
C MET A 21 1.72 4.61 3.73
N ASP A 22 0.71 3.90 4.27
CA ASP A 22 0.92 2.64 5.00
C ASP A 22 0.39 1.46 4.16
N ILE A 23 1.18 0.38 4.15
CA ILE A 23 0.93 -0.84 3.35
C ILE A 23 -0.29 -1.63 3.91
N GLU A 24 -0.62 -1.42 5.20
CA GLU A 24 -1.86 -1.94 5.81
C GLU A 24 -3.10 -1.43 5.04
N GLU A 25 -3.13 -0.11 4.81
CA GLU A 25 -4.22 0.56 4.08
C GLU A 25 -4.39 -0.04 2.67
N ILE A 26 -3.24 -0.27 2.00
CA ILE A 26 -3.20 -0.84 0.64
C ILE A 26 -3.74 -2.29 0.63
N GLU A 27 -3.34 -3.08 1.65
CA GLU A 27 -3.72 -4.50 1.78
C GLU A 27 -5.25 -4.64 1.89
N LYS A 28 -5.84 -3.79 2.76
CA LYS A 28 -7.29 -3.79 3.02
C LYS A 28 -8.06 -3.30 1.77
N LYS A 29 -7.61 -2.15 1.23
CA LYS A 29 -8.24 -1.47 0.07
C LYS A 29 -8.30 -2.38 -1.17
N ALA A 30 -7.12 -2.88 -1.57
CA ALA A 30 -6.94 -3.64 -2.82
C ALA A 30 -7.72 -4.96 -2.78
N ARG A 31 -7.49 -5.78 -1.73
CA ARG A 31 -8.09 -7.11 -1.60
C ARG A 31 -9.64 -7.02 -1.49
N LYS A 32 -10.14 -5.95 -0.85
CA LYS A 32 -11.60 -5.70 -0.69
C LYS A 32 -12.30 -5.62 -2.07
N ILE A 33 -11.58 -5.04 -3.03
CA ILE A 33 -12.02 -4.88 -4.43
C ILE A 33 -11.85 -6.21 -5.20
N LEU A 34 -10.80 -6.99 -4.83
CA LEU A 34 -10.53 -8.33 -5.41
C LEU A 34 -11.58 -9.36 -4.92
N GLU A 35 -12.18 -9.10 -3.74
CA GLU A 35 -13.30 -9.90 -3.20
C GLU A 35 -14.57 -9.69 -4.06
N LYS A 36 -14.73 -8.46 -4.57
CA LYS A 36 -15.79 -8.10 -5.52
C LYS A 36 -15.43 -8.60 -6.95
N GLY A 37 -14.13 -8.88 -7.17
CA GLY A 37 -13.62 -9.48 -8.40
C GLY A 37 -13.16 -8.46 -9.43
N ASP A 38 -13.09 -7.19 -9.04
CA ASP A 38 -12.63 -6.10 -9.91
C ASP A 38 -11.15 -5.79 -9.64
N SER A 39 -10.47 -5.32 -10.69
CA SER A 39 -9.08 -4.86 -10.63
C SER A 39 -9.05 -3.34 -10.41
N ILE A 40 -8.20 -2.87 -9.48
CA ILE A 40 -8.00 -1.44 -9.22
C ILE A 40 -6.60 -1.02 -9.72
N GLU A 41 -6.56 0.12 -10.42
CA GLU A 41 -5.33 0.77 -10.86
C GLU A 41 -4.61 1.35 -9.62
N ILE A 42 -3.60 0.61 -9.13
CA ILE A 42 -2.72 1.08 -8.06
C ILE A 42 -1.39 1.54 -8.68
N ALA A 43 -1.16 2.86 -8.67
CA ALA A 43 0.08 3.49 -9.19
C ALA A 43 0.33 3.16 -10.68
N GLY A 44 -0.77 3.01 -11.44
CA GLY A 44 -0.71 2.69 -12.88
C GLY A 44 -0.92 1.21 -13.18
N PHE A 45 -0.49 0.34 -12.24
CA PHE A 45 -0.58 -1.13 -12.38
C PHE A 45 -1.95 -1.62 -11.85
N GLU A 46 -2.72 -2.30 -12.72
CA GLU A 46 -3.97 -2.95 -12.32
C GLU A 46 -3.66 -4.26 -11.56
N VAL A 47 -4.29 -4.45 -10.39
CA VAL A 47 -4.13 -5.69 -9.59
C VAL A 47 -5.35 -6.62 -9.81
N ARG A 48 -5.10 -7.84 -10.31
CA ARG A 48 -6.15 -8.83 -10.59
C ARG A 48 -6.13 -9.94 -9.52
N ASP A 49 -4.98 -10.58 -9.37
CA ASP A 49 -4.76 -11.65 -8.37
C ASP A 49 -3.92 -11.12 -7.19
N GLU A 50 -3.79 -11.98 -6.16
CA GLU A 50 -3.00 -11.70 -4.95
C GLU A 50 -1.51 -11.52 -5.28
N GLU A 51 -1.04 -12.21 -6.33
CA GLU A 51 0.36 -12.15 -6.77
C GLU A 51 0.62 -10.80 -7.47
N ASP A 52 -0.38 -10.32 -8.24
CA ASP A 52 -0.35 -8.98 -8.86
C ASP A 52 -0.25 -7.90 -7.78
N LEU A 53 -0.94 -8.14 -6.66
CA LEU A 53 -0.88 -7.27 -5.47
C LEU A 53 0.55 -7.23 -4.95
N LYS A 54 1.19 -8.40 -4.81
CA LYS A 54 2.59 -8.54 -4.33
C LYS A 54 3.58 -7.76 -5.23
N LYS A 55 3.34 -7.79 -6.56
CA LYS A 55 4.20 -7.13 -7.57
C LYS A 55 4.24 -5.61 -7.35
N ILE A 56 3.05 -5.00 -7.28
CA ILE A 56 2.92 -3.55 -7.07
C ILE A 56 3.25 -3.18 -5.60
N LEU A 57 2.99 -4.10 -4.66
CA LEU A 57 3.08 -3.85 -3.19
C LEU A 57 4.50 -3.41 -2.79
N GLU A 58 5.49 -4.19 -3.25
CA GLU A 58 6.92 -3.94 -2.98
C GLU A 58 7.39 -2.64 -3.65
N TRP A 59 6.83 -2.36 -4.84
CA TRP A 59 7.13 -1.16 -5.63
C TRP A 59 6.55 0.09 -4.94
N LEU A 60 5.39 -0.08 -4.25
CA LEU A 60 4.72 1.00 -3.47
C LEU A 60 5.57 1.41 -2.27
N ARG A 61 6.15 0.39 -1.63
CA ARG A 61 7.05 0.55 -0.48
C ARG A 61 8.32 1.34 -0.89
N ARG A 62 8.69 1.25 -2.18
CA ARG A 62 9.85 1.96 -2.75
C ARG A 62 9.41 3.16 -3.61
N HIS A 63 8.09 3.41 -3.71
CA HIS A 63 7.54 4.51 -4.51
C HIS A 63 7.53 5.80 -3.67
N GLY A 64 8.47 6.69 -3.97
CA GLY A 64 8.66 7.94 -3.22
C GLY A 64 10.09 8.10 -2.73
#